data_6UP2
#
_entry.id   6UP2
#
_cell.length_a   61.246
_cell.length_b   67.691
_cell.length_c   103.683
_cell.angle_alpha   90.000
_cell.angle_beta   92.490
_cell.angle_gamma   90.000
#
_symmetry.space_group_name_H-M   'P 1 21 1'
#
loop_
_entity.id
_entity.type
_entity.pdbx_description
1 polymer 'Dhx36 protein'
2 non-polymer GLYCEROL
3 non-polymer 'CHLORIDE ION'
4 water water
#
_entity_poly.entity_id   1
_entity_poly.type   'polypeptide(L)'
_entity_poly.pdbx_seq_one_letter_code
;KSYIDRDTEYLLQENEPNLSLDQHLLEDLQRKKTDPRYIEMQRFRKKLPSYGMQKELVNLINNHQVTVISGETGCGKTTQ
VTQFILDNYIERGKGSACRIVCTQPRRISAISVAERVATERAESCGNGNSTGYQIRLQSRLPRKQGSILYCTTGIILQWL
QSDSRLSSVSHIVLDEIHERNLQSDVLMTVIKDLLHFRSDLKVILMSATLNAEKFSEYFGNCPMIHIPGFTFPVVEYLLE
DIIEKIRYVPDQKEHRSQFKRGFMQGHVNRQEKEEKEAIYKERWPAYIKELRTRYSASTVDVLQMMDDDKVDLNLIAALI
RYIVLEEEDGAILVFLPGWDNISTLHDLLMSQVMFKSDKFLIIPLHSLMPTVNQTQVFKKTPPGVRKIVIATNIAETSIT
IDDVVYVIDGGKIKETHFDTQNNISTMSAEWVSKANAKQRKGRAGRVQPGHCYHLYNGLRASLLDDYQLPEILRTPLEEL
CLQIKILRLGGIAYFLSRLMDPPSNEAVVLSIKHLMELSALDKQEELTPLGVHLARLPVEPHIGKMILFGALFCCLDPVL
TIAASLSFKDPFVIPLGKEKIADARRKELAKETRSDHLTVVNAFEGWEEAKRRGFRYEKDYCWEYFLSSNTLQMLHNMKG
QFAEHLLGAGFVSSRSPKDPKANINSDNEKIIKAVICAGLYPKVAKIRLNLGKKRKMVKVHTKSDGLVSIHPKSVNVEQT
DFHYNWLIYHLKMRTSSIYLYDCTEVSPYCLLFFGGDISIQKDKDQEIIAVDEWIVFQSPERIAHLVKGLRKELDSLLQE
KIESPHPVDWDDTKSRDCAVLSAILDLIKT
;
_entity_poly.pdbx_strand_id   A
#
# COMPACT_ATOMS: atom_id res chain seq x y z
N ASP A 7 11.85 -10.14 -14.17
CA ASP A 7 11.50 -10.65 -12.86
C ASP A 7 10.97 -12.07 -12.93
N THR A 8 10.94 -12.64 -14.13
CA THR A 8 10.37 -13.98 -14.34
C THR A 8 11.39 -15.12 -14.45
N GLU A 9 12.67 -14.83 -14.26
CA GLU A 9 13.73 -15.82 -14.55
C GLU A 9 13.61 -17.16 -13.81
N TYR A 10 13.25 -17.16 -12.52
CA TYR A 10 13.09 -18.41 -11.77
C TYR A 10 11.95 -19.24 -12.36
N LEU A 11 10.86 -18.54 -12.66
CA LEU A 11 9.65 -19.14 -13.23
C LEU A 11 9.94 -19.89 -14.53
N LEU A 12 10.61 -19.22 -15.44
CA LEU A 12 10.91 -19.79 -16.76
C LEU A 12 11.83 -21.00 -16.71
N GLN A 13 12.56 -21.17 -15.61
CA GLN A 13 13.38 -22.37 -15.44
C GLN A 13 12.45 -23.58 -15.44
N GLU A 14 12.93 -24.72 -15.95
CA GLU A 14 12.10 -25.91 -15.98
C GLU A 14 12.46 -26.85 -14.83
N ASN A 15 11.45 -27.41 -14.16
CA ASN A 15 11.73 -28.30 -13.04
C ASN A 15 12.12 -29.67 -13.57
N GLU A 16 13.38 -30.03 -13.35
CA GLU A 16 13.97 -31.24 -13.91
C GLU A 16 14.75 -31.99 -12.85
N PRO A 17 14.10 -32.94 -12.16
CA PRO A 17 14.76 -33.77 -11.15
C PRO A 17 15.97 -34.49 -11.75
N ASN A 18 16.99 -34.70 -10.93
CA ASN A 18 18.23 -35.29 -11.40
C ASN A 18 18.82 -36.21 -10.34
N LEU A 19 19.09 -37.46 -10.71
CA LEU A 19 19.58 -38.48 -9.78
C LEU A 19 20.97 -38.14 -9.26
N SER A 20 21.83 -37.69 -10.15
CA SER A 20 23.15 -37.23 -9.78
C SER A 20 23.06 -36.08 -8.76
N LEU A 21 22.16 -35.13 -9.01
CA LEU A 21 22.00 -33.99 -8.09
C LEU A 21 21.42 -34.45 -6.75
N ASP A 22 20.49 -35.40 -6.79
CA ASP A 22 19.98 -36.05 -5.59
C ASP A 22 21.11 -36.57 -4.71
N GLN A 23 21.99 -37.37 -5.31
CA GLN A 23 23.13 -37.93 -4.58
C GLN A 23 23.99 -36.80 -4.03
N HIS A 24 24.29 -35.81 -4.86
CA HIS A 24 25.17 -34.74 -4.43
C HIS A 24 24.61 -33.97 -3.22
N LEU A 25 23.30 -33.70 -3.21
CA LEU A 25 22.66 -32.95 -2.12
C LEU A 25 22.60 -33.78 -0.83
N LEU A 26 22.37 -35.08 -0.99
CA LEU A 26 22.42 -36.00 0.13
C LEU A 26 23.81 -36.03 0.74
N GLU A 27 24.85 -35.89 -0.09
CA GLU A 27 26.22 -35.82 0.42
C GLU A 27 26.51 -34.46 1.03
N ASP A 28 25.91 -33.41 0.48
CA ASP A 28 26.06 -32.06 1.04
C ASP A 28 25.53 -31.98 2.46
N LEU A 29 24.44 -32.71 2.71
CA LEU A 29 23.85 -32.79 4.04
C LEU A 29 24.83 -33.43 5.03
N GLN A 30 25.48 -34.50 4.62
CA GLN A 30 26.46 -35.19 5.46
C GLN A 30 27.58 -34.25 5.92
N ARG A 31 28.09 -33.46 4.99
CA ARG A 31 29.16 -32.50 5.30
C ARG A 31 28.64 -31.41 6.25
N LYS A 32 27.40 -30.98 6.03
CA LYS A 32 26.78 -29.96 6.88
C LYS A 32 26.65 -30.44 8.33
N LYS A 33 26.30 -31.71 8.49
CA LYS A 33 26.14 -32.32 9.80
C LYS A 33 27.42 -32.26 10.64
N THR A 34 28.57 -32.14 9.96
CA THR A 34 29.86 -32.01 10.61
C THR A 34 30.37 -30.56 10.72
N ASP A 35 29.62 -29.62 10.15
CA ASP A 35 30.04 -28.21 10.09
C ASP A 35 29.62 -27.47 11.36
N PRO A 36 30.61 -26.93 12.09
CA PRO A 36 30.35 -26.19 13.34
C PRO A 36 29.26 -25.14 13.14
N ARG A 37 29.34 -24.41 12.04
CA ARG A 37 28.39 -23.35 11.70
C ARG A 37 26.95 -23.90 11.60
N TYR A 38 26.78 -24.97 10.82
CA TYR A 38 25.47 -25.61 10.63
C TYR A 38 24.90 -26.18 11.94
N ILE A 39 25.73 -26.93 12.67
CA ILE A 39 25.35 -27.50 13.96
C ILE A 39 24.84 -26.45 14.94
N GLU A 40 25.60 -25.37 15.10
CA GLU A 40 25.18 -24.27 15.96
C GLU A 40 23.80 -23.75 15.55
N MET A 41 23.57 -23.69 14.24
CA MET A 41 22.31 -23.19 13.72
C MET A 41 21.18 -24.16 13.99
N GLN A 42 21.48 -25.46 13.95
CA GLN A 42 20.44 -26.47 14.13
C GLN A 42 19.90 -26.44 15.56
N ARG A 43 20.76 -26.10 16.51
CA ARG A 43 20.31 -26.04 17.90
C ARG A 43 19.33 -24.87 18.13
N PHE A 44 19.57 -23.76 17.44
CA PHE A 44 18.58 -22.69 17.46
C PHE A 44 17.23 -23.17 16.95
N ARG A 45 17.24 -23.95 15.88
CA ARG A 45 16.00 -24.37 15.25
C ARG A 45 15.19 -25.31 16.16
N LYS A 46 15.88 -26.20 16.87
CA LYS A 46 15.24 -27.24 17.69
C LYS A 46 14.37 -26.68 18.83
N LYS A 47 14.57 -25.41 19.15
CA LYS A 47 13.79 -24.78 20.20
C LYS A 47 12.39 -24.41 19.73
N LEU A 48 12.23 -24.20 18.42
CA LEU A 48 10.95 -23.82 17.83
C LEU A 48 9.97 -24.98 17.84
N PRO A 49 8.71 -24.72 18.25
CA PRO A 49 7.72 -25.80 18.31
C PRO A 49 7.53 -26.52 16.96
N SER A 50 7.69 -25.81 15.85
CA SER A 50 7.58 -26.42 14.53
C SER A 50 8.51 -27.61 14.37
N TYR A 51 9.74 -27.43 14.85
CA TYR A 51 10.78 -28.44 14.74
C TYR A 51 10.36 -29.78 15.36
N GLY A 52 9.70 -29.72 16.51
CA GLY A 52 9.29 -30.93 17.20
C GLY A 52 8.24 -31.79 16.52
N MET A 53 7.35 -31.15 15.75
CA MET A 53 6.33 -31.86 14.96
C MET A 53 6.67 -31.96 13.46
N GLN A 54 7.92 -31.70 13.11
CA GLN A 54 8.37 -31.70 11.73
C GLN A 54 7.89 -32.92 10.93
N LYS A 55 7.94 -34.10 11.56
CA LYS A 55 7.53 -35.33 10.89
C LYS A 55 6.07 -35.30 10.49
N GLU A 56 5.21 -34.81 11.37
CA GLU A 56 3.78 -34.82 11.06
C GLU A 56 3.41 -33.74 10.04
N LEU A 57 4.12 -32.61 10.07
CA LEU A 57 3.89 -31.59 9.06
C LEU A 57 4.25 -32.13 7.68
N VAL A 58 5.43 -32.71 7.55
CA VAL A 58 5.87 -33.20 6.23
C VAL A 58 5.01 -34.38 5.75
N ASN A 59 4.59 -35.28 6.65
CA ASN A 59 3.67 -36.36 6.23
C ASN A 59 2.33 -35.82 5.75
N LEU A 60 1.79 -34.80 6.42
CA LEU A 60 0.51 -34.26 5.99
C LEU A 60 0.64 -33.64 4.61
N ILE A 61 1.69 -32.85 4.41
CA ILE A 61 1.92 -32.20 3.13
C ILE A 61 2.14 -33.28 2.04
N ASN A 62 2.98 -34.25 2.32
CA ASN A 62 3.24 -35.34 1.36
C ASN A 62 1.99 -36.15 0.97
N ASN A 63 1.09 -36.41 1.92
CA ASN A 63 -0.11 -37.21 1.67
C ASN A 63 -1.33 -36.45 1.11
N HIS A 64 -1.37 -35.12 1.15
CA HIS A 64 -2.55 -34.42 0.66
C HIS A 64 -2.15 -33.30 -0.27
N GLN A 65 -2.96 -33.03 -1.27
CA GLN A 65 -2.59 -31.99 -2.23
C GLN A 65 -2.65 -30.61 -1.59
N VAL A 66 -3.68 -30.37 -0.79
CA VAL A 66 -3.85 -29.06 -0.13
C VAL A 66 -3.91 -29.24 1.37
N THR A 67 -3.19 -28.40 2.09
CA THR A 67 -3.22 -28.46 3.54
C THR A 67 -3.29 -27.05 4.16
N VAL A 68 -3.92 -26.93 5.33
CA VAL A 68 -3.97 -25.66 6.02
C VAL A 68 -3.19 -25.78 7.35
N ILE A 69 -2.19 -24.92 7.50
CA ILE A 69 -1.38 -24.87 8.73
C ILE A 69 -1.74 -23.64 9.56
N SER A 70 -2.04 -23.85 10.83
CA SER A 70 -2.24 -22.73 11.74
C SER A 70 -1.22 -22.73 12.86
N GLY A 71 -0.50 -21.64 13.02
CA GLY A 71 0.23 -21.47 14.25
C GLY A 71 0.47 -20.03 14.64
N GLU A 72 0.48 -19.79 15.94
CA GLU A 72 0.55 -18.44 16.43
C GLU A 72 2.01 -18.04 16.59
N THR A 73 2.22 -16.82 17.09
CA THR A 73 3.53 -16.19 17.07
C THR A 73 4.56 -17.05 17.78
N GLY A 74 5.74 -17.15 17.16
CA GLY A 74 6.83 -17.94 17.71
C GLY A 74 6.86 -19.39 17.28
N CYS A 75 5.82 -19.84 16.58
CA CYS A 75 5.75 -21.24 16.15
C CYS A 75 6.84 -21.55 15.14
N GLY A 76 7.20 -20.56 14.33
CA GLY A 76 8.30 -20.70 13.39
C GLY A 76 7.94 -21.18 12.00
N LYS A 77 6.64 -21.25 11.69
CA LYS A 77 6.17 -21.83 10.42
C LYS A 77 6.86 -21.20 9.20
N THR A 78 7.05 -19.89 9.24
CA THR A 78 7.47 -19.14 8.06
C THR A 78 8.91 -19.48 7.66
N THR A 79 9.79 -19.59 8.63
CA THR A 79 11.16 -19.99 8.34
C THR A 79 11.38 -21.51 8.24
N GLN A 80 10.53 -22.28 8.92
CA GLN A 80 10.70 -23.74 9.05
C GLN A 80 10.05 -24.66 8.01
N VAL A 81 8.81 -24.36 7.63
CA VAL A 81 8.03 -25.35 6.89
C VAL A 81 8.63 -25.58 5.51
N THR A 82 9.14 -24.51 4.89
CA THR A 82 9.84 -24.66 3.62
C THR A 82 11.04 -25.59 3.79
N GLN A 83 11.82 -25.34 4.83
CA GLN A 83 12.98 -26.17 5.15
C GLN A 83 12.60 -27.64 5.38
N PHE A 84 11.52 -27.87 6.11
CA PHE A 84 11.07 -29.25 6.37
C PHE A 84 10.80 -30.01 5.06
N ILE A 85 10.12 -29.37 4.11
CA ILE A 85 9.84 -30.05 2.85
C ILE A 85 11.14 -30.35 2.09
N LEU A 86 11.95 -29.33 1.86
CA LEU A 86 13.22 -29.52 1.15
C LEU A 86 14.11 -30.57 1.82
N ASP A 87 14.27 -30.47 3.14
CA ASP A 87 15.16 -31.39 3.85
C ASP A 87 14.61 -32.81 3.82
N ASN A 88 13.30 -32.95 3.80
CA ASN A 88 12.73 -34.28 3.71
C ASN A 88 12.99 -34.90 2.35
N TYR A 89 12.77 -34.12 1.28
CA TYR A 89 13.12 -34.59 -0.05
C TYR A 89 14.61 -34.95 -0.12
N ILE A 90 15.47 -34.05 0.34
CA ILE A 90 16.93 -34.32 0.34
C ILE A 90 17.28 -35.61 1.08
N GLU A 91 16.79 -35.75 2.31
CA GLU A 91 16.99 -36.96 3.11
C GLU A 91 16.55 -38.22 2.38
N ARG A 92 15.41 -38.15 1.71
CA ARG A 92 14.86 -39.30 0.98
C ARG A 92 15.64 -39.63 -0.30
N GLY A 93 16.59 -38.77 -0.67
CA GLY A 93 17.38 -38.94 -1.88
C GLY A 93 16.67 -38.44 -3.13
N LYS A 94 15.66 -37.60 -2.93
CA LYS A 94 14.94 -36.89 -3.98
C LYS A 94 15.14 -35.37 -4.04
N GLY A 95 16.17 -34.88 -3.35
CA GLY A 95 16.35 -33.44 -3.16
C GLY A 95 16.10 -32.58 -4.38
N SER A 96 16.49 -33.05 -5.58
CA SER A 96 16.37 -32.23 -6.79
C SER A 96 14.93 -32.02 -7.28
N ALA A 97 13.96 -32.75 -6.71
CA ALA A 97 12.58 -32.67 -7.18
C ALA A 97 11.84 -31.45 -6.59
N CYS A 98 12.46 -30.83 -5.59
CA CYS A 98 11.88 -29.68 -4.89
C CYS A 98 12.14 -28.35 -5.52
N ARG A 99 11.07 -27.64 -5.89
CA ARG A 99 11.16 -26.20 -6.11
C ARG A 99 10.03 -25.51 -5.35
N ILE A 100 10.38 -24.87 -4.24
CA ILE A 100 9.39 -24.40 -3.29
C ILE A 100 9.31 -22.90 -3.34
N VAL A 101 8.10 -22.38 -3.50
CA VAL A 101 7.91 -20.95 -3.53
C VAL A 101 7.02 -20.56 -2.38
N CYS A 102 7.42 -19.55 -1.63
CA CYS A 102 6.66 -19.13 -0.47
C CYS A 102 6.37 -17.66 -0.57
N THR A 103 5.08 -17.30 -0.56
CA THR A 103 4.69 -15.90 -0.72
C THR A 103 4.67 -15.19 0.61
N GLN A 104 5.07 -13.92 0.60
CA GLN A 104 5.01 -13.05 1.79
C GLN A 104 4.22 -11.78 1.48
N PRO A 105 3.57 -11.20 2.50
CA PRO A 105 2.73 -10.02 2.26
C PRO A 105 3.54 -8.77 1.92
N ARG A 106 4.79 -8.70 2.36
CA ARG A 106 5.59 -7.50 2.07
C ARG A 106 6.98 -7.83 1.57
N ARG A 107 7.52 -6.89 0.80
CA ARG A 107 8.87 -7.01 0.27
C ARG A 107 9.89 -7.30 1.36
N ILE A 108 9.84 -6.52 2.45
CA ILE A 108 10.84 -6.64 3.49
C ILE A 108 10.77 -8.02 4.16
N SER A 109 9.56 -8.58 4.24
CA SER A 109 9.42 -9.94 4.78
C SER A 109 10.06 -10.98 3.87
N ALA A 110 9.87 -10.83 2.56
CA ALA A 110 10.49 -11.76 1.61
C ALA A 110 12.00 -11.78 1.77
N ILE A 111 12.61 -10.60 1.84
CA ILE A 111 14.07 -10.51 1.96
C ILE A 111 14.54 -11.04 3.32
N SER A 112 13.90 -10.57 4.39
CA SER A 112 14.30 -10.91 5.74
C SER A 112 14.17 -12.40 6.03
N VAL A 113 13.06 -13.00 5.61
CA VAL A 113 12.88 -14.42 5.83
C VAL A 113 13.89 -15.24 5.02
N ALA A 114 14.09 -14.86 3.75
CA ALA A 114 15.03 -15.60 2.91
C ALA A 114 16.47 -15.52 3.45
N GLU A 115 16.87 -14.35 3.93
CA GLU A 115 18.20 -14.19 4.51
C GLU A 115 18.36 -14.99 5.81
N ARG A 116 17.29 -15.09 6.60
CA ARG A 116 17.38 -15.84 7.85
C ARG A 116 17.46 -17.34 7.57
N VAL A 117 16.64 -17.82 6.65
CA VAL A 117 16.68 -19.24 6.31
C VAL A 117 18.05 -19.62 5.73
N ALA A 118 18.66 -18.73 4.95
CA ALA A 118 19.98 -19.00 4.37
C ALA A 118 21.01 -19.18 5.48
N THR A 119 21.03 -18.24 6.43
CA THR A 119 21.86 -18.33 7.63
C THR A 119 21.69 -19.65 8.38
N GLU A 120 20.45 -20.04 8.63
CA GLU A 120 20.16 -21.27 9.37
C GLU A 120 20.64 -22.52 8.63
N ARG A 121 20.84 -22.39 7.32
CA ARG A 121 21.35 -23.48 6.51
C ARG A 121 22.87 -23.36 6.30
N ALA A 122 23.48 -22.37 6.95
CA ALA A 122 24.91 -22.08 6.86
C ALA A 122 25.30 -21.76 5.43
N GLU A 123 24.50 -20.89 4.81
CA GLU A 123 24.73 -20.48 3.43
C GLU A 123 24.46 -19.00 3.34
N SER A 124 25.02 -18.36 2.31
CA SER A 124 24.56 -17.03 1.94
C SER A 124 23.27 -17.14 1.12
N CYS A 125 22.53 -16.03 1.09
CA CYS A 125 21.28 -15.90 0.35
C CYS A 125 21.51 -15.76 -1.15
N GLY A 126 20.78 -16.52 -1.97
CA GLY A 126 21.00 -16.49 -3.40
C GLY A 126 22.30 -17.20 -3.79
N ASN A 127 22.98 -16.67 -4.79
CA ASN A 127 24.30 -17.17 -5.21
C ASN A 127 24.34 -18.67 -5.43
N GLY A 128 23.28 -19.20 -6.04
CA GLY A 128 23.26 -20.61 -6.40
C GLY A 128 23.19 -21.55 -5.22
N ASN A 129 22.86 -21.02 -4.04
CA ASN A 129 22.65 -21.85 -2.85
C ASN A 129 21.19 -22.28 -2.78
N SER A 130 20.80 -22.89 -1.66
CA SER A 130 19.49 -23.49 -1.56
C SER A 130 18.34 -22.49 -1.45
N THR A 131 18.61 -21.31 -0.91
CA THR A 131 17.54 -20.38 -0.57
C THR A 131 17.78 -18.96 -1.09
N GLY A 132 16.72 -18.29 -1.54
CA GLY A 132 16.81 -16.92 -2.05
C GLY A 132 15.48 -16.17 -2.05
N TYR A 133 15.42 -15.01 -2.71
CA TYR A 133 14.17 -14.27 -2.82
C TYR A 133 14.00 -13.58 -4.17
N GLN A 134 12.75 -13.27 -4.51
CA GLN A 134 12.43 -12.43 -5.67
C GLN A 134 11.38 -11.37 -5.30
N ILE A 135 11.74 -10.09 -5.38
CA ILE A 135 10.73 -9.03 -5.33
C ILE A 135 10.83 -8.21 -6.60
N ARG A 136 9.97 -7.23 -6.80
CA ARG A 136 10.00 -6.52 -8.08
C ARG A 136 11.31 -5.74 -8.21
N LEU A 137 12.01 -5.98 -9.32
CA LEU A 137 13.26 -5.30 -9.65
C LEU A 137 14.48 -5.69 -8.79
N GLN A 138 14.31 -6.60 -7.83
CA GLN A 138 15.44 -7.02 -7.02
C GLN A 138 15.38 -8.51 -6.61
N SER A 139 16.48 -9.23 -6.75
CA SER A 139 16.48 -10.65 -6.39
C SER A 139 17.82 -11.19 -5.95
N ARG A 140 17.80 -12.19 -5.08
CA ARG A 140 18.94 -13.08 -4.93
C ARG A 140 18.43 -14.50 -5.19
N LEU A 141 18.71 -15.04 -6.37
CA LEU A 141 18.03 -16.28 -6.76
C LEU A 141 18.81 -17.49 -6.30
N PRO A 142 18.09 -18.50 -5.77
CA PRO A 142 18.78 -19.72 -5.36
C PRO A 142 19.05 -20.59 -6.58
N ARG A 143 19.67 -21.75 -6.36
CA ARG A 143 19.93 -22.71 -7.42
C ARG A 143 18.62 -23.20 -8.00
N LYS A 144 18.70 -23.73 -9.22
CA LYS A 144 17.53 -24.16 -9.98
C LYS A 144 16.70 -25.30 -9.31
N GLN A 145 17.37 -26.33 -8.80
CA GLN A 145 16.70 -27.53 -8.27
C GLN A 145 16.96 -27.75 -6.78
N GLY A 146 15.95 -28.23 -6.04
CA GLY A 146 16.11 -28.43 -4.62
C GLY A 146 16.30 -27.07 -3.95
N SER A 147 15.33 -26.19 -4.15
CA SER A 147 15.48 -24.82 -3.69
C SER A 147 14.21 -24.25 -3.11
N ILE A 148 14.40 -23.16 -2.35
CA ILE A 148 13.33 -22.42 -1.74
C ILE A 148 13.42 -20.97 -2.22
N LEU A 149 12.29 -20.43 -2.67
CA LEU A 149 12.22 -19.04 -3.07
C LEU A 149 11.12 -18.28 -2.32
N TYR A 150 11.48 -17.27 -1.55
CA TYR A 150 10.50 -16.35 -0.98
C TYR A 150 10.23 -15.20 -1.96
N CYS A 151 8.96 -14.96 -2.24
CA CYS A 151 8.58 -13.79 -3.03
C CYS A 151 7.34 -13.13 -2.47
N THR A 152 6.85 -12.11 -3.17
CA THR A 152 5.62 -11.47 -2.76
C THR A 152 4.45 -12.03 -3.57
N THR A 153 3.25 -11.69 -3.13
CA THR A 153 2.04 -12.04 -3.87
C THR A 153 2.07 -11.36 -5.24
N GLY A 154 2.53 -10.11 -5.27
CA GLY A 154 2.68 -9.39 -6.53
C GLY A 154 3.52 -10.10 -7.57
N ILE A 155 4.60 -10.74 -7.14
CA ILE A 155 5.47 -11.46 -8.08
C ILE A 155 4.77 -12.68 -8.68
N ILE A 156 4.01 -13.40 -7.86
CA ILE A 156 3.22 -14.50 -8.38
C ILE A 156 2.18 -13.99 -9.39
N LEU A 157 1.49 -12.90 -9.07
CA LEU A 157 0.47 -12.39 -9.99
C LEU A 157 1.11 -12.00 -11.34
N GLN A 158 2.34 -11.48 -11.27
CA GLN A 158 3.09 -11.12 -12.48
C GLN A 158 3.49 -12.37 -13.25
N TRP A 159 3.98 -13.37 -12.53
CA TRP A 159 4.35 -14.64 -13.12
C TRP A 159 3.21 -15.30 -13.90
N LEU A 160 1.98 -15.12 -13.42
CA LEU A 160 0.84 -15.80 -14.02
C LEU A 160 0.53 -15.27 -15.42
N GLN A 161 1.02 -14.08 -15.73
CA GLN A 161 0.88 -13.53 -17.08
C GLN A 161 1.74 -14.34 -18.06
N SER A 162 2.95 -14.68 -17.63
CA SER A 162 3.89 -15.47 -18.44
C SER A 162 3.66 -17.00 -18.37
N ASP A 163 3.47 -17.55 -17.18
CA ASP A 163 3.10 -18.96 -17.07
C ASP A 163 1.93 -19.15 -16.14
N SER A 164 0.76 -19.40 -16.71
CA SER A 164 -0.46 -19.38 -15.92
C SER A 164 -0.67 -20.72 -15.22
N ARG A 165 0.21 -21.67 -15.49
CA ARG A 165 0.19 -22.96 -14.84
C ARG A 165 1.15 -23.04 -13.65
N LEU A 166 2.01 -22.02 -13.49
CA LEU A 166 3.13 -22.07 -12.52
C LEU A 166 3.88 -23.41 -12.62
N SER A 167 4.18 -23.78 -13.86
CA SER A 167 4.65 -25.10 -14.25
C SER A 167 5.78 -25.68 -13.39
N SER A 168 6.81 -24.88 -13.16
CA SER A 168 8.03 -25.39 -12.57
C SER A 168 8.03 -25.32 -11.05
N VAL A 169 6.90 -24.94 -10.47
CA VAL A 169 6.81 -24.93 -9.01
C VAL A 169 6.24 -26.28 -8.50
N SER A 170 6.96 -26.93 -7.58
CA SER A 170 6.48 -28.17 -6.98
C SER A 170 5.55 -27.96 -5.78
N HIS A 171 5.84 -26.91 -5.03
CA HIS A 171 5.09 -26.59 -3.81
C HIS A 171 4.86 -25.10 -3.77
N ILE A 172 3.61 -24.66 -3.67
CA ILE A 172 3.34 -23.23 -3.42
C ILE A 172 2.85 -23.05 -1.98
N VAL A 173 3.59 -22.24 -1.23
CA VAL A 173 3.22 -21.97 0.16
C VAL A 173 2.70 -20.53 0.24
N LEU A 174 1.43 -20.36 0.61
CA LEU A 174 0.88 -19.01 0.75
C LEU A 174 0.86 -18.66 2.23
N ASP A 175 1.72 -17.73 2.63
CA ASP A 175 1.86 -17.48 4.05
C ASP A 175 0.99 -16.31 4.51
N GLU A 176 0.90 -16.12 5.83
CA GLU A 176 0.17 -15.01 6.44
C GLU A 176 -1.23 -14.77 5.82
N ILE A 177 -1.95 -15.85 5.52
CA ILE A 177 -3.25 -15.75 4.86
C ILE A 177 -4.32 -15.08 5.71
N HIS A 178 -4.11 -15.03 7.03
CA HIS A 178 -5.05 -14.44 7.98
C HIS A 178 -5.20 -12.94 7.72
N GLU A 179 -4.24 -12.37 6.99
CA GLU A 179 -4.24 -10.91 6.73
C GLU A 179 -5.30 -10.50 5.71
N ARG A 180 -5.75 -11.45 4.91
CA ARG A 180 -6.84 -11.23 3.95
C ARG A 180 -6.61 -10.03 3.03
N ASN A 181 -5.41 -9.92 2.51
CA ASN A 181 -5.11 -8.89 1.51
C ASN A 181 -5.81 -9.22 0.20
N LEU A 182 -6.20 -8.19 -0.54
CA LEU A 182 -6.87 -8.35 -1.84
C LEU A 182 -6.19 -9.37 -2.74
N GLN A 183 -4.86 -9.25 -2.82
CA GLN A 183 -4.08 -10.06 -3.74
C GLN A 183 -3.98 -11.51 -3.31
N SER A 184 -4.01 -11.75 -2.01
CA SER A 184 -4.02 -13.12 -1.51
C SER A 184 -5.31 -13.84 -1.87
N ASP A 185 -6.44 -13.16 -1.68
CA ASP A 185 -7.74 -13.74 -1.95
C ASP A 185 -7.85 -14.18 -3.40
N VAL A 186 -7.42 -13.32 -4.33
CA VAL A 186 -7.52 -13.65 -5.76
C VAL A 186 -6.55 -14.79 -6.12
N LEU A 187 -5.33 -14.71 -5.63
CA LEU A 187 -4.34 -15.76 -5.83
C LEU A 187 -4.88 -17.09 -5.32
N MET A 188 -5.59 -17.04 -4.21
CA MET A 188 -6.15 -18.26 -3.67
C MET A 188 -7.17 -18.95 -4.60
N THR A 189 -8.08 -18.17 -5.16
CA THR A 189 -9.05 -18.69 -6.13
C THR A 189 -8.35 -19.20 -7.39
N VAL A 190 -7.39 -18.43 -7.89
CA VAL A 190 -6.62 -18.86 -9.05
C VAL A 190 -5.94 -20.22 -8.80
N ILE A 191 -5.30 -20.35 -7.64
CA ILE A 191 -4.58 -21.57 -7.27
C ILE A 191 -5.57 -22.72 -7.12
N LYS A 192 -6.75 -22.45 -6.57
CA LYS A 192 -7.75 -23.49 -6.41
C LYS A 192 -8.15 -24.05 -7.78
N ASP A 193 -8.32 -23.19 -8.77
CA ASP A 193 -8.62 -23.64 -10.13
C ASP A 193 -7.49 -24.49 -10.73
N LEU A 194 -6.24 -24.11 -10.45
CA LEU A 194 -5.10 -24.81 -11.03
C LEU A 194 -4.88 -26.22 -10.47
N LEU A 195 -5.10 -26.39 -9.17
CA LEU A 195 -4.66 -27.62 -8.53
C LEU A 195 -5.56 -28.76 -8.98
N HIS A 196 -6.85 -28.47 -9.06
CA HIS A 196 -7.81 -29.41 -9.64
C HIS A 196 -7.37 -29.92 -11.01
N PHE A 197 -6.74 -29.05 -11.81
CA PHE A 197 -6.25 -29.46 -13.14
C PHE A 197 -4.91 -30.16 -13.11
N ARG A 198 -3.94 -29.63 -12.35
CA ARG A 198 -2.63 -30.28 -12.28
C ARG A 198 -2.39 -30.94 -10.92
N SER A 199 -2.27 -32.26 -10.95
CA SER A 199 -2.20 -33.07 -9.75
C SER A 199 -0.84 -33.02 -9.00
N ASP A 200 0.21 -32.60 -9.71
CA ASP A 200 1.58 -32.58 -9.16
C ASP A 200 1.92 -31.29 -8.41
N LEU A 201 0.94 -30.41 -8.18
CA LEU A 201 1.24 -29.21 -7.40
C LEU A 201 0.77 -29.37 -5.94
N LYS A 202 1.68 -29.19 -4.99
CA LYS A 202 1.29 -29.13 -3.57
C LYS A 202 0.98 -27.69 -3.15
N VAL A 203 -0.12 -27.50 -2.42
CA VAL A 203 -0.50 -26.18 -1.95
C VAL A 203 -0.57 -26.20 -0.43
N ILE A 204 0.15 -25.29 0.19
CA ILE A 204 0.22 -25.20 1.64
C ILE A 204 -0.20 -23.78 2.08
N LEU A 205 -1.29 -23.69 2.82
CA LEU A 205 -1.83 -22.39 3.27
C LEU A 205 -1.50 -22.17 4.73
N MET A 206 -0.84 -21.07 5.05
CA MET A 206 -0.41 -20.85 6.42
C MET A 206 -1.04 -19.60 7.06
N SER A 207 -1.69 -19.82 8.19
CA SER A 207 -2.30 -18.74 8.97
C SER A 207 -1.65 -18.57 10.35
N ALA A 208 -1.47 -17.31 10.79
CA ALA A 208 -0.90 -17.01 12.12
C ALA A 208 -1.96 -16.96 13.20
N THR A 209 -3.23 -17.04 12.80
CA THR A 209 -4.34 -17.06 13.75
C THR A 209 -5.11 -18.37 13.61
N LEU A 210 -5.91 -18.69 14.64
CA LEU A 210 -6.61 -19.97 14.74
C LEU A 210 -8.03 -19.99 14.11
N ASN A 211 -8.38 -18.95 13.35
CA ASN A 211 -9.68 -18.86 12.66
C ASN A 211 -9.70 -19.51 11.25
N ALA A 212 -8.69 -20.32 10.96
CA ALA A 212 -8.42 -20.86 9.62
C ALA A 212 -9.38 -21.93 9.06
N GLU A 213 -10.39 -22.34 9.82
CA GLU A 213 -11.36 -23.33 9.31
C GLU A 213 -12.01 -22.88 8.00
N LYS A 214 -12.24 -21.57 7.86
CA LYS A 214 -12.84 -21.00 6.64
C LYS A 214 -12.03 -21.31 5.39
N PHE A 215 -10.71 -21.31 5.53
CA PHE A 215 -9.84 -21.64 4.40
C PHE A 215 -9.97 -23.10 4.06
N SER A 216 -10.04 -23.93 5.09
CA SER A 216 -10.21 -25.37 4.84
C SER A 216 -11.50 -25.64 4.07
N GLU A 217 -12.61 -25.07 4.55
CA GLU A 217 -13.89 -25.17 3.87
C GLU A 217 -13.80 -24.69 2.42
N TYR A 218 -13.15 -23.55 2.20
CA TYR A 218 -13.05 -23.00 0.84
C TYR A 218 -12.37 -23.99 -0.12
N PHE A 219 -11.34 -24.65 0.37
CA PHE A 219 -10.55 -25.64 -0.37
C PHE A 219 -11.14 -27.06 -0.24
N GLY A 220 -12.41 -27.15 0.14
CA GLY A 220 -13.13 -28.42 0.03
C GLY A 220 -13.01 -29.26 1.29
N ASN A 221 -12.88 -28.58 2.42
CA ASN A 221 -12.65 -29.22 3.71
C ASN A 221 -11.39 -30.09 3.72
N CYS A 222 -10.30 -29.51 3.23
CA CYS A 222 -8.98 -30.16 3.22
C CYS A 222 -8.42 -30.27 4.63
N PRO A 223 -7.45 -31.17 4.85
CA PRO A 223 -6.79 -31.33 6.16
C PRO A 223 -6.26 -30.04 6.79
N MET A 224 -6.38 -29.96 8.12
CA MET A 224 -5.84 -28.84 8.89
C MET A 224 -4.92 -29.40 9.94
N ILE A 225 -3.92 -28.61 10.32
CA ILE A 225 -3.00 -28.97 11.40
C ILE A 225 -2.55 -27.72 12.16
N HIS A 226 -2.35 -27.86 13.47
CA HIS A 226 -1.98 -26.76 14.35
C HIS A 226 -0.53 -26.83 14.82
N ILE A 227 0.18 -25.71 14.75
CA ILE A 227 1.51 -25.63 15.36
C ILE A 227 1.46 -24.72 16.57
N PRO A 228 1.87 -25.21 17.74
CA PRO A 228 1.88 -24.38 18.95
C PRO A 228 2.76 -23.14 18.82
N GLY A 229 2.29 -22.03 19.37
CA GLY A 229 3.09 -20.82 19.42
C GLY A 229 4.09 -20.92 20.55
N PHE A 230 5.08 -20.02 20.51
CA PHE A 230 6.11 -19.94 21.53
C PHE A 230 6.22 -18.52 22.02
N THR A 231 6.01 -18.33 23.32
CA THR A 231 6.32 -17.05 23.94
C THR A 231 6.68 -17.25 25.40
N PHE A 232 7.58 -16.41 25.90
CA PHE A 232 7.75 -16.28 27.33
C PHE A 232 6.52 -15.49 27.79
N PRO A 233 6.21 -15.52 29.11
CA PRO A 233 5.08 -14.73 29.60
C PRO A 233 5.23 -13.24 29.28
N VAL A 234 4.16 -12.60 28.79
CA VAL A 234 4.17 -11.16 28.55
C VAL A 234 3.08 -10.47 29.39
N VAL A 235 3.49 -9.49 30.20
CA VAL A 235 2.54 -8.69 30.96
C VAL A 235 1.90 -7.65 30.06
N GLU A 236 0.58 -7.57 30.07
CA GLU A 236 -0.14 -6.56 29.28
C GLU A 236 -0.60 -5.43 30.19
N TYR A 237 -0.53 -4.20 29.67
CA TYR A 237 -0.96 -3.01 30.40
C TYR A 237 -1.98 -2.28 29.57
N LEU A 238 -3.05 -1.82 30.19
CA LEU A 238 -3.98 -0.96 29.49
C LEU A 238 -3.61 0.49 29.69
N LEU A 239 -4.34 1.39 29.03
CA LEU A 239 -4.07 2.80 29.15
C LEU A 239 -4.11 3.24 30.62
N GLU A 240 -5.06 2.70 31.38
CA GLU A 240 -5.12 3.00 32.82
C GLU A 240 -3.83 2.62 33.53
N ASP A 241 -3.28 1.46 33.18
CA ASP A 241 -2.13 0.92 33.90
C ASP A 241 -0.90 1.72 33.60
N ILE A 242 -0.75 2.12 32.33
CA ILE A 242 0.39 2.90 31.89
C ILE A 242 0.46 4.26 32.60
N ILE A 243 -0.65 4.97 32.55
CA ILE A 243 -0.75 6.28 33.20
C ILE A 243 -0.46 6.17 34.69
N GLU A 244 -1.16 5.26 35.34
CA GLU A 244 -0.91 4.98 36.74
C GLU A 244 0.58 4.69 36.96
N LYS A 245 1.15 3.76 36.22
CA LYS A 245 2.56 3.38 36.44
C LYS A 245 3.58 4.51 36.28
N ILE A 246 3.47 5.29 35.22
CA ILE A 246 4.54 6.26 34.98
C ILE A 246 4.17 7.63 35.53
N ARG A 247 2.99 7.73 36.15
CA ARG A 247 2.46 9.00 36.66
C ARG A 247 2.54 10.07 35.59
N TYR A 248 1.82 9.84 34.49
CA TYR A 248 1.98 10.64 33.29
C TYR A 248 1.49 12.06 33.49
N VAL A 249 2.38 13.02 33.21
CA VAL A 249 2.05 14.45 33.23
C VAL A 249 2.04 14.99 31.82
N PRO A 250 0.84 15.28 31.27
CA PRO A 250 0.75 15.77 29.89
C PRO A 250 1.41 17.15 29.68
N ASP A 251 2.12 17.33 28.55
CA ASP A 251 2.67 18.64 28.17
C ASP A 251 1.56 19.69 28.15
N GLN A 252 0.39 19.30 27.67
CA GLN A 252 -0.78 20.15 27.52
C GLN A 252 -1.98 19.58 28.29
N LYS A 253 -2.69 20.48 28.98
CA LYS A 253 -3.84 20.13 29.83
C LYS A 253 -3.51 19.01 30.81
N ASN A 269 -15.96 1.21 9.33
CA ASN A 269 -15.96 2.67 9.34
C ASN A 269 -17.19 3.29 8.69
N ARG A 270 -18.32 2.69 8.98
CA ARG A 270 -19.65 3.22 8.75
C ARG A 270 -20.44 2.24 9.62
N GLN A 271 -21.72 2.05 9.34
CA GLN A 271 -22.71 1.69 10.34
C GLN A 271 -22.28 0.73 11.48
N GLU A 272 -21.48 -0.29 11.25
CA GLU A 272 -21.11 -1.11 12.41
C GLU A 272 -20.09 -0.42 13.32
N LYS A 273 -19.40 0.62 12.85
CA LYS A 273 -18.55 1.38 13.74
C LYS A 273 -19.40 2.29 14.60
N GLU A 274 -20.43 2.87 13.99
CA GLU A 274 -21.31 3.78 14.71
C GLU A 274 -22.04 3.05 15.82
N GLU A 275 -22.37 1.79 15.58
CA GLU A 275 -22.99 0.95 16.59
C GLU A 275 -22.09 0.76 17.80
N LYS A 276 -20.84 0.41 17.53
CA LYS A 276 -19.89 0.13 18.59
C LYS A 276 -19.59 1.38 19.42
N GLU A 277 -19.51 2.53 18.75
CA GLU A 277 -19.27 3.79 19.45
C GLU A 277 -20.47 4.18 20.32
N ALA A 278 -21.67 3.87 19.83
CA ALA A 278 -22.88 4.10 20.60
C ALA A 278 -22.86 3.30 21.90
N ILE A 279 -22.44 2.04 21.79
CA ILE A 279 -22.31 1.18 22.96
C ILE A 279 -21.20 1.67 23.89
N TYR A 280 -20.08 2.10 23.31
CA TYR A 280 -18.99 2.69 24.08
C TYR A 280 -19.50 3.87 24.90
N LYS A 281 -20.18 4.79 24.21
CA LYS A 281 -20.68 6.01 24.81
C LYS A 281 -21.64 5.72 25.97
N GLU A 282 -22.45 4.68 25.80
CA GLU A 282 -23.44 4.34 26.81
C GLU A 282 -22.75 3.68 28.01
N ARG A 283 -21.68 2.93 27.78
CA ARG A 283 -21.02 2.26 28.91
C ARG A 283 -19.93 3.12 29.52
N TRP A 284 -19.63 4.26 28.89
CA TRP A 284 -18.56 5.16 29.36
C TRP A 284 -18.73 5.64 30.81
N PRO A 285 -19.87 6.28 31.17
CA PRO A 285 -19.93 6.82 32.53
C PRO A 285 -19.70 5.79 33.61
N ALA A 286 -20.37 4.64 33.50
CA ALA A 286 -20.24 3.59 34.50
C ALA A 286 -18.82 2.99 34.55
N TYR A 287 -18.17 2.90 33.40
CA TYR A 287 -16.79 2.39 33.35
C TYR A 287 -15.85 3.29 34.15
N ILE A 288 -15.97 4.59 33.88
CA ILE A 288 -15.19 5.62 34.54
C ILE A 288 -15.42 5.56 36.05
N LYS A 289 -16.71 5.48 36.43
CA LYS A 289 -17.10 5.40 37.84
C LYS A 289 -16.42 4.23 38.55
N GLU A 290 -16.52 3.04 37.96
CA GLU A 290 -15.87 1.89 38.57
C GLU A 290 -14.35 2.05 38.54
N LEU A 291 -13.84 2.70 37.50
CA LEU A 291 -12.39 2.91 37.37
C LEU A 291 -11.82 3.68 38.57
N ARG A 292 -12.62 4.56 39.17
CA ARG A 292 -12.15 5.36 40.31
C ARG A 292 -12.00 4.48 41.56
N THR A 293 -12.54 3.28 41.50
CA THR A 293 -12.37 2.31 42.58
C THR A 293 -10.93 1.79 42.68
N ARG A 294 -10.41 1.28 41.57
CA ARG A 294 -9.11 0.63 41.58
C ARG A 294 -7.91 1.49 41.13
N TYR A 295 -8.15 2.73 40.70
CA TYR A 295 -7.05 3.58 40.23
C TYR A 295 -7.04 4.92 40.94
N SER A 296 -5.91 5.62 40.89
CA SER A 296 -5.81 6.94 41.50
C SER A 296 -6.72 7.91 40.76
N ALA A 297 -7.19 8.92 41.48
CA ALA A 297 -8.08 9.91 40.89
C ALA A 297 -7.42 10.64 39.73
N SER A 298 -6.13 10.92 39.84
CA SER A 298 -5.41 11.65 38.78
C SER A 298 -5.27 10.83 37.47
N THR A 299 -5.22 9.52 37.62
CA THR A 299 -5.13 8.62 36.48
C THR A 299 -6.41 8.68 35.66
N VAL A 300 -7.54 8.62 36.37
CA VAL A 300 -8.85 8.67 35.74
C VAL A 300 -9.07 10.01 35.03
N ASP A 301 -8.62 11.10 35.65
CA ASP A 301 -8.80 12.42 35.06
C ASP A 301 -7.97 12.60 33.79
N VAL A 302 -6.77 12.03 33.79
CA VAL A 302 -5.93 12.08 32.60
C VAL A 302 -6.53 11.18 31.52
N LEU A 303 -6.97 9.99 31.92
CA LEU A 303 -7.54 9.05 30.96
C LEU A 303 -8.78 9.65 30.29
N GLN A 304 -9.50 10.47 31.07
CA GLN A 304 -10.74 11.09 30.63
C GLN A 304 -10.50 12.20 29.60
N MET A 305 -9.31 12.81 29.65
CA MET A 305 -8.91 13.89 28.73
C MET A 305 -8.41 13.37 27.38
N MET A 306 -8.10 12.08 27.33
CA MET A 306 -7.46 11.45 26.20
C MET A 306 -8.30 11.50 24.91
N ASP A 307 -7.66 11.84 23.79
CA ASP A 307 -8.34 11.89 22.50
C ASP A 307 -8.30 10.54 21.78
N ASP A 308 -9.49 10.01 21.48
CA ASP A 308 -9.62 8.71 20.80
C ASP A 308 -9.18 8.70 19.33
N ASP A 309 -9.18 9.87 18.70
CA ASP A 309 -8.86 9.96 17.29
C ASP A 309 -7.37 9.91 17.02
N LYS A 310 -6.58 10.32 18.01
CA LYS A 310 -5.14 10.43 17.84
C LYS A 310 -4.38 9.57 18.83
N VAL A 311 -3.34 8.90 18.34
CA VAL A 311 -2.35 8.29 19.22
C VAL A 311 -1.61 9.39 19.97
N ASP A 312 -1.42 9.24 21.28
CA ASP A 312 -0.75 10.29 22.02
C ASP A 312 0.76 10.00 22.01
N LEU A 313 1.52 10.77 21.24
CA LEU A 313 2.93 10.47 21.01
C LEU A 313 3.76 10.94 22.20
N ASN A 314 3.23 11.92 22.94
CA ASN A 314 3.93 12.41 24.11
C ASN A 314 3.89 11.39 25.22
N LEU A 315 2.73 10.77 25.39
CA LEU A 315 2.61 9.61 26.27
C LEU A 315 3.64 8.53 25.88
N ILE A 316 3.74 8.21 24.59
CA ILE A 316 4.71 7.19 24.16
C ILE A 316 6.14 7.62 24.51
N ALA A 317 6.46 8.90 24.34
CA ALA A 317 7.79 9.37 24.72
C ALA A 317 8.03 9.21 26.22
N ALA A 318 7.02 9.56 27.00
CA ALA A 318 7.10 9.45 28.46
C ALA A 318 7.25 7.99 28.90
N LEU A 319 6.54 7.09 28.22
CA LEU A 319 6.65 5.66 28.51
C LEU A 319 8.05 5.15 28.15
N ILE A 320 8.56 5.53 26.98
CA ILE A 320 9.91 5.12 26.61
C ILE A 320 10.93 5.64 27.62
N ARG A 321 10.75 6.89 28.07
CA ARG A 321 11.62 7.45 29.08
C ARG A 321 11.58 6.62 30.38
N TYR A 322 10.37 6.31 30.85
CA TYR A 322 10.21 5.47 32.04
C TYR A 322 10.91 4.12 31.89
N ILE A 323 10.74 3.47 30.74
CA ILE A 323 11.30 2.13 30.54
C ILE A 323 12.83 2.18 30.66
N VAL A 324 13.43 3.16 30.01
CA VAL A 324 14.87 3.30 29.97
C VAL A 324 15.45 3.57 31.36
N LEU A 325 14.80 4.45 32.11
CA LEU A 325 15.22 4.79 33.46
C LEU A 325 14.91 3.68 34.46
N GLU A 326 13.68 3.20 34.45
CA GLU A 326 13.23 2.24 35.46
C GLU A 326 13.27 0.74 35.15
N GLU A 327 13.49 0.34 33.90
CA GLU A 327 13.38 -1.09 33.62
C GLU A 327 14.66 -1.69 33.07
N GLU A 328 14.62 -3.00 32.90
CA GLU A 328 15.78 -3.78 32.50
C GLU A 328 16.11 -3.58 31.04
N ASP A 329 17.34 -3.91 30.65
CA ASP A 329 17.77 -3.84 29.26
C ASP A 329 16.79 -4.55 28.33
N GLY A 330 16.51 -3.94 27.19
CA GLY A 330 15.88 -4.66 26.09
C GLY A 330 15.48 -3.69 25.00
N ALA A 331 15.27 -4.20 23.79
CA ALA A 331 14.85 -3.36 22.67
C ALA A 331 13.38 -3.00 22.82
N ILE A 332 13.02 -1.83 22.32
CA ILE A 332 11.63 -1.39 22.37
C ILE A 332 11.05 -1.34 20.95
N LEU A 333 9.89 -1.95 20.76
CA LEU A 333 9.20 -1.91 19.48
C LEU A 333 7.92 -1.08 19.61
N VAL A 334 7.79 -0.03 18.79
CA VAL A 334 6.59 0.78 18.78
C VAL A 334 5.74 0.59 17.52
N PHE A 335 4.44 0.34 17.71
CA PHE A 335 3.50 0.19 16.59
C PHE A 335 2.65 1.42 16.39
N LEU A 336 2.78 2.04 15.23
CA LEU A 336 2.03 3.24 14.92
C LEU A 336 1.28 3.06 13.58
N PRO A 337 0.18 3.81 13.37
CA PRO A 337 -0.66 3.63 12.17
C PRO A 337 0.07 3.89 10.84
N GLY A 338 0.84 4.96 10.78
CA GLY A 338 1.39 5.40 9.49
C GLY A 338 2.66 6.22 9.59
N TRP A 339 3.16 6.62 8.43
CA TRP A 339 4.38 7.41 8.32
C TRP A 339 4.38 8.72 9.13
N ASP A 340 3.23 9.39 9.14
CA ASP A 340 3.10 10.68 9.81
C ASP A 340 3.43 10.60 11.29
N ASN A 341 2.68 9.76 11.96
CA ASN A 341 3.04 9.36 13.32
C ASN A 341 4.46 8.89 13.60
N ILE A 342 4.99 8.04 12.72
CA ILE A 342 6.33 7.50 12.91
C ILE A 342 7.39 8.62 12.89
N SER A 343 7.32 9.46 11.87
CA SER A 343 8.31 10.53 11.76
C SER A 343 8.09 11.57 12.87
N THR A 344 6.84 11.84 13.23
CA THR A 344 6.58 12.79 14.32
C THR A 344 7.19 12.29 15.65
N LEU A 345 7.01 11.01 15.98
CA LEU A 345 7.55 10.48 17.23
C LEU A 345 9.06 10.43 17.21
N HIS A 346 9.63 10.15 16.03
CA HIS A 346 11.08 10.10 15.86
C HIS A 346 11.70 11.48 16.13
N ASP A 347 11.11 12.51 15.55
CA ASP A 347 11.54 13.88 15.80
C ASP A 347 11.39 14.25 17.27
N LEU A 348 10.27 13.83 17.87
CA LEU A 348 10.00 14.14 19.28
C LEU A 348 11.03 13.52 20.21
N LEU A 349 11.43 12.29 19.92
CA LEU A 349 12.45 11.64 20.73
C LEU A 349 13.81 12.33 20.52
N MET A 350 14.19 12.53 19.26
CA MET A 350 15.50 13.12 18.95
C MET A 350 15.64 14.58 19.39
N SER A 351 14.53 15.20 19.80
CA SER A 351 14.59 16.56 20.30
C SER A 351 14.87 16.57 21.81
N GLN A 352 15.00 15.38 22.39
CA GLN A 352 15.35 15.26 23.80
C GLN A 352 16.78 14.71 23.93
N VAL A 353 17.59 15.39 24.73
CA VAL A 353 19.04 15.13 24.76
C VAL A 353 19.35 13.67 25.18
N MET A 354 18.43 13.05 25.91
CA MET A 354 18.53 11.63 26.28
C MET A 354 18.82 10.72 25.11
N PHE A 355 17.98 10.85 24.09
CA PHE A 355 17.96 9.92 22.99
C PHE A 355 18.94 10.33 21.89
N LYS A 356 19.55 11.50 22.05
CA LYS A 356 20.61 11.94 21.14
C LYS A 356 21.87 11.08 21.30
N SER A 357 21.97 10.38 22.43
CA SER A 357 23.17 9.61 22.77
C SER A 357 23.41 8.47 21.78
N ASP A 358 24.67 8.05 21.67
CA ASP A 358 25.03 7.03 20.69
C ASP A 358 24.69 5.66 21.26
N LYS A 359 24.18 5.66 22.49
CA LYS A 359 23.74 4.43 23.13
C LYS A 359 22.28 4.14 22.80
N PHE A 360 21.72 4.94 21.91
CA PHE A 360 20.40 4.67 21.37
C PHE A 360 20.44 4.57 19.86
N LEU A 361 19.75 3.59 19.31
CA LEU A 361 19.55 3.49 17.89
C LEU A 361 18.06 3.53 17.60
N ILE A 362 17.59 4.61 16.98
CA ILE A 362 16.16 4.79 16.75
C ILE A 362 15.84 4.68 15.26
N ILE A 363 15.12 3.62 14.92
CA ILE A 363 14.88 3.22 13.55
C ILE A 363 13.43 3.28 13.12
N PRO A 364 13.10 4.10 12.12
CA PRO A 364 11.77 4.05 11.52
C PRO A 364 11.56 2.80 10.65
N LEU A 365 10.38 2.22 10.68
CA LEU A 365 10.08 1.12 9.76
C LEU A 365 8.69 1.30 9.14
N HIS A 366 8.68 1.48 7.83
CA HIS A 366 7.43 1.71 7.14
C HIS A 366 7.55 1.20 5.68
N SER A 367 6.47 0.68 5.12
CA SER A 367 6.59 -0.07 3.86
C SER A 367 6.96 0.77 2.62
N LEU A 368 6.65 2.06 2.62
CA LEU A 368 6.92 2.89 1.43
C LEU A 368 8.25 3.67 1.45
N MET A 369 9.06 3.47 2.48
CA MET A 369 10.41 4.00 2.49
C MET A 369 11.28 3.12 1.58
N PRO A 370 12.48 3.61 1.18
CA PRO A 370 13.40 2.86 0.30
C PRO A 370 13.70 1.46 0.83
N THR A 371 14.07 0.53 -0.05
CA THR A 371 13.99 -0.92 0.24
C THR A 371 14.68 -1.39 1.52
N VAL A 372 16.01 -1.41 1.53
CA VAL A 372 16.74 -1.82 2.73
C VAL A 372 17.10 -0.58 3.54
N ASN A 373 16.57 0.57 3.14
CA ASN A 373 16.29 1.59 4.14
C ASN A 373 15.44 1.00 5.27
N GLN A 374 14.82 -0.16 5.04
CA GLN A 374 14.30 -0.85 6.20
C GLN A 374 15.50 -1.69 6.57
N THR A 375 16.16 -1.09 7.54
CA THR A 375 17.51 -1.37 7.96
C THR A 375 17.58 -2.18 9.25
N GLN A 376 16.41 -2.41 9.84
CA GLN A 376 16.28 -2.86 11.21
C GLN A 376 16.76 -4.29 11.47
N VAL A 377 17.10 -5.00 10.40
CA VAL A 377 17.50 -6.41 10.52
C VAL A 377 18.88 -6.59 11.12
N PHE A 378 19.79 -5.63 10.92
CA PHE A 378 21.19 -5.91 11.20
C PHE A 378 21.42 -6.22 12.67
N LYS A 379 22.41 -7.08 12.90
CA LYS A 379 22.84 -7.42 14.24
C LYS A 379 23.08 -6.12 14.95
N LYS A 380 22.51 -5.97 16.13
CA LYS A 380 22.68 -4.74 16.83
C LYS A 380 24.06 -4.90 17.56
N THR A 381 24.79 -3.78 17.56
CA THR A 381 26.05 -3.50 18.22
C THR A 381 25.91 -3.40 19.80
N PRO A 382 27.00 -3.27 20.60
CA PRO A 382 26.71 -3.89 21.92
C PRO A 382 25.44 -3.56 22.72
N PRO A 383 24.96 -4.43 23.64
CA PRO A 383 23.79 -3.76 24.23
C PRO A 383 24.17 -2.72 25.29
N GLY A 384 25.14 -1.88 24.93
CA GLY A 384 25.38 -0.62 25.58
C GLY A 384 24.59 0.36 24.77
N VAL A 385 24.27 -0.02 23.54
CA VAL A 385 23.36 0.75 22.70
C VAL A 385 22.03 0.00 22.56
N ARG A 386 20.94 0.74 22.73
CA ARG A 386 19.60 0.16 22.79
C ARG A 386 18.78 0.49 21.54
N LYS A 387 18.17 -0.53 20.94
CA LYS A 387 17.42 -0.34 19.72
C LYS A 387 15.99 0.12 20.04
N ILE A 388 15.53 1.17 19.37
CA ILE A 388 14.13 1.58 19.44
C ILE A 388 13.55 1.57 18.04
N VAL A 389 12.65 0.63 17.78
CA VAL A 389 12.10 0.51 16.44
C VAL A 389 10.72 1.11 16.43
N ILE A 390 10.48 2.06 15.53
CA ILE A 390 9.17 2.69 15.41
C ILE A 390 8.59 2.30 14.07
N ALA A 391 7.57 1.45 14.10
CA ALA A 391 7.13 0.70 12.92
C ALA A 391 5.63 0.77 12.72
N THR A 392 5.15 0.44 11.52
CA THR A 392 3.73 0.21 11.28
C THR A 392 3.36 -1.24 11.60
N ASN A 393 2.14 -1.62 11.22
CA ASN A 393 1.70 -2.98 11.42
C ASN A 393 2.56 -4.03 10.69
N ILE A 394 3.43 -3.60 9.77
CA ILE A 394 4.28 -4.58 9.08
C ILE A 394 5.23 -5.30 10.04
N ALA A 395 5.50 -4.73 11.21
CA ALA A 395 6.37 -5.41 12.19
C ALA A 395 5.64 -6.57 12.85
N GLU A 396 4.35 -6.75 12.54
CA GLU A 396 3.57 -7.85 13.09
C GLU A 396 3.97 -9.18 12.44
N THR A 397 4.38 -9.12 11.18
CA THR A 397 4.73 -10.33 10.42
C THR A 397 6.12 -10.82 10.74
N SER A 398 6.57 -11.82 9.99
CA SER A 398 7.88 -12.36 10.29
C SER A 398 8.91 -11.41 9.71
N ILE A 399 9.67 -10.84 10.63
CA ILE A 399 10.63 -9.79 10.35
C ILE A 399 11.69 -10.01 11.39
N THR A 400 12.95 -9.76 11.08
CA THR A 400 13.94 -10.02 12.11
C THR A 400 14.17 -8.75 12.90
N ILE A 401 13.66 -8.76 14.13
CA ILE A 401 13.97 -7.71 15.09
C ILE A 401 14.40 -8.42 16.35
N ASP A 402 15.68 -8.30 16.69
CA ASP A 402 16.27 -9.04 17.78
C ASP A 402 16.15 -8.31 19.13
N ASP A 403 15.99 -9.10 20.18
CA ASP A 403 16.04 -8.61 21.56
C ASP A 403 14.92 -7.68 21.99
N VAL A 404 13.70 -7.87 21.49
CA VAL A 404 12.61 -6.99 21.91
C VAL A 404 12.05 -7.48 23.22
N VAL A 405 12.19 -6.68 24.27
CA VAL A 405 11.51 -6.97 25.52
C VAL A 405 10.26 -6.15 25.78
N TYR A 406 10.09 -5.07 25.01
CA TYR A 406 9.06 -4.07 25.28
C TYR A 406 8.34 -3.69 24.01
N VAL A 407 7.03 -3.83 24.02
CA VAL A 407 6.25 -3.44 22.85
C VAL A 407 5.27 -2.38 23.26
N ILE A 408 5.27 -1.27 22.52
CA ILE A 408 4.30 -0.23 22.80
C ILE A 408 3.30 -0.23 21.65
N ASP A 409 2.09 -0.64 21.95
CA ASP A 409 1.03 -0.73 20.97
C ASP A 409 0.20 0.55 21.00
N GLY A 410 0.33 1.37 19.96
CA GLY A 410 -0.41 2.62 19.87
C GLY A 410 -1.89 2.36 19.68
N GLY A 411 -2.25 1.15 19.27
CA GLY A 411 -3.65 0.74 19.31
C GLY A 411 -4.43 0.98 18.04
N LYS A 412 -3.72 1.42 17.00
CA LYS A 412 -4.36 1.83 15.77
C LYS A 412 -3.78 1.08 14.59
N ILE A 413 -4.55 1.00 13.52
CA ILE A 413 -4.02 0.50 12.26
C ILE A 413 -4.66 1.28 11.09
N LYS A 414 -3.87 1.58 10.06
CA LYS A 414 -4.41 2.18 8.83
C LYS A 414 -5.30 1.19 8.08
N GLU A 415 -6.51 1.61 7.76
CA GLU A 415 -7.43 0.79 6.98
C GLU A 415 -8.12 1.58 5.86
N THR A 416 -8.23 0.96 4.68
CA THR A 416 -9.08 1.49 3.61
C THR A 416 -10.53 1.11 3.86
N HIS A 417 -11.42 2.08 3.65
CA HIS A 417 -12.83 1.81 3.63
C HIS A 417 -13.45 2.44 2.40
N PHE A 418 -14.59 1.88 2.00
CA PHE A 418 -15.21 2.26 0.74
C PHE A 418 -16.69 2.49 0.97
N ASP A 419 -17.14 3.72 0.77
CA ASP A 419 -18.55 4.08 0.82
C ASP A 419 -19.07 3.97 -0.59
N THR A 420 -19.88 2.96 -0.86
CA THR A 420 -20.31 2.68 -2.23
C THR A 420 -21.57 3.47 -2.58
N GLN A 421 -22.24 4.03 -1.59
CA GLN A 421 -23.42 4.85 -1.87
C GLN A 421 -23.02 6.26 -2.33
N ASN A 422 -21.96 6.80 -1.75
CA ASN A 422 -21.42 8.09 -2.18
C ASN A 422 -20.21 8.00 -3.12
N ASN A 423 -19.77 6.78 -3.41
CA ASN A 423 -18.56 6.52 -4.18
C ASN A 423 -17.32 7.22 -3.63
N ILE A 424 -17.08 7.03 -2.34
CA ILE A 424 -15.97 7.68 -1.67
C ILE A 424 -15.06 6.67 -0.99
N SER A 425 -13.79 6.69 -1.33
CA SER A 425 -12.85 5.78 -0.72
C SER A 425 -11.92 6.58 0.17
N THR A 426 -11.73 6.10 1.40
CA THR A 426 -10.83 6.76 2.36
C THR A 426 -9.84 5.80 3.00
N MET A 427 -8.72 6.35 3.45
CA MET A 427 -7.76 5.65 4.31
C MET A 427 -7.70 6.34 5.67
N SER A 428 -7.91 5.59 6.75
CA SER A 428 -7.90 6.19 8.09
C SER A 428 -7.26 5.27 9.14
N ALA A 429 -6.89 5.83 10.29
CA ALA A 429 -6.42 5.04 11.41
C ALA A 429 -7.62 4.50 12.18
N GLU A 430 -7.71 3.19 12.33
CA GLU A 430 -8.81 2.58 13.07
C GLU A 430 -8.28 1.78 14.26
N TRP A 431 -9.14 1.48 15.23
CA TRP A 431 -8.73 0.62 16.32
C TRP A 431 -8.32 -0.76 15.79
N VAL A 432 -7.26 -1.32 16.36
CA VAL A 432 -6.79 -2.67 16.02
C VAL A 432 -7.86 -3.69 16.35
N SER A 433 -7.80 -4.86 15.71
CA SER A 433 -8.63 -5.97 16.19
C SER A 433 -7.95 -6.66 17.35
N LYS A 434 -8.63 -7.64 17.95
CA LYS A 434 -8.00 -8.41 19.02
C LYS A 434 -6.86 -9.25 18.44
N ALA A 435 -7.06 -9.74 17.22
CA ALA A 435 -6.01 -10.53 16.58
C ALA A 435 -4.74 -9.68 16.37
N ASN A 436 -4.91 -8.45 15.86
CA ASN A 436 -3.79 -7.52 15.77
C ASN A 436 -3.11 -7.38 17.11
N ALA A 437 -3.91 -7.09 18.14
CA ALA A 437 -3.37 -6.79 19.46
C ALA A 437 -2.57 -7.98 20.00
N LYS A 438 -3.06 -9.18 19.71
CA LYS A 438 -2.41 -10.39 20.20
C LYS A 438 -1.06 -10.61 19.51
N GLN A 439 -1.00 -10.37 18.20
CA GLN A 439 0.28 -10.38 17.47
C GLN A 439 1.29 -9.37 18.04
N ARG A 440 0.83 -8.16 18.34
CA ARG A 440 1.71 -7.15 18.93
C ARG A 440 2.19 -7.61 20.30
N LYS A 441 1.29 -8.19 21.10
CA LYS A 441 1.68 -8.73 22.40
C LYS A 441 2.79 -9.76 22.25
N GLY A 442 2.60 -10.69 21.32
CA GLY A 442 3.55 -11.77 21.10
C GLY A 442 4.94 -11.31 20.67
N ARG A 443 5.04 -10.11 20.10
CA ARG A 443 6.35 -9.62 19.70
C ARG A 443 7.26 -9.33 20.91
N ALA A 444 6.67 -9.22 22.11
CA ALA A 444 7.51 -8.87 23.27
C ALA A 444 8.06 -10.11 23.98
N GLY A 445 7.57 -11.30 23.60
CA GLY A 445 7.89 -12.54 24.31
C GLY A 445 8.80 -13.55 23.63
N ARG A 446 9.50 -13.17 22.57
CA ARG A 446 10.33 -14.13 21.87
C ARG A 446 11.69 -14.42 22.55
N VAL A 447 12.17 -13.49 23.37
CA VAL A 447 13.48 -13.63 23.99
C VAL A 447 13.39 -14.01 25.47
N GLN A 448 12.77 -13.14 26.25
CA GLN A 448 12.62 -13.29 27.69
C GLN A 448 11.21 -12.84 28.09
N PRO A 449 10.84 -12.92 29.39
CA PRO A 449 9.52 -12.40 29.76
C PRO A 449 9.37 -10.93 29.38
N GLY A 450 8.28 -10.56 28.71
CA GLY A 450 8.14 -9.22 28.18
C GLY A 450 7.10 -8.31 28.79
N HIS A 451 6.92 -7.18 28.12
CA HIS A 451 5.89 -6.24 28.49
C HIS A 451 5.27 -5.69 27.23
N CYS A 452 3.95 -5.66 27.18
CA CYS A 452 3.26 -5.05 26.05
C CYS A 452 2.29 -4.00 26.57
N TYR A 453 2.55 -2.74 26.21
CA TYR A 453 1.72 -1.60 26.64
C TYR A 453 0.72 -1.20 25.56
N HIS A 454 -0.56 -1.37 25.85
CA HIS A 454 -1.62 -1.01 24.88
C HIS A 454 -2.16 0.38 25.21
N LEU A 455 -2.21 1.26 24.23
CA LEU A 455 -2.64 2.64 24.44
C LEU A 455 -4.18 2.80 24.36
N TYR A 456 -4.92 1.71 24.40
CA TYR A 456 -6.39 1.77 24.54
C TYR A 456 -6.82 1.49 25.99
N ASN A 457 -7.95 2.07 26.43
CA ASN A 457 -8.41 1.78 27.79
C ASN A 457 -9.19 0.46 27.85
N GLY A 458 -9.60 0.07 29.06
CA GLY A 458 -10.18 -1.23 29.29
C GLY A 458 -11.54 -1.38 28.63
N LEU A 459 -12.29 -0.28 28.58
CA LEU A 459 -13.58 -0.30 27.92
C LEU A 459 -13.41 -0.50 26.41
N ARG A 460 -12.45 0.22 25.83
CA ARG A 460 -12.15 0.09 24.41
C ARG A 460 -11.75 -1.37 24.06
N ALA A 461 -10.87 -1.93 24.87
CA ALA A 461 -10.43 -3.32 24.70
C ALA A 461 -11.61 -4.30 24.57
N SER A 462 -12.63 -4.11 25.42
CA SER A 462 -13.74 -5.07 25.46
C SER A 462 -14.61 -4.93 24.22
N LEU A 463 -14.54 -3.78 23.55
CA LEU A 463 -15.32 -3.53 22.34
C LEU A 463 -14.55 -3.71 21.01
N LEU A 464 -13.30 -4.15 21.03
CA LEU A 464 -12.57 -4.41 19.78
C LEU A 464 -13.17 -5.61 19.02
N ASP A 465 -13.14 -5.58 17.69
CA ASP A 465 -13.53 -6.74 16.88
C ASP A 465 -12.53 -7.89 17.01
N ASP A 466 -13.02 -9.13 16.91
CA ASP A 466 -12.14 -10.29 16.89
C ASP A 466 -11.09 -10.20 15.80
N TYR A 467 -11.52 -9.88 14.59
CA TYR A 467 -10.64 -9.77 13.41
C TYR A 467 -11.04 -8.59 12.52
N GLN A 468 -10.10 -8.06 11.72
CA GLN A 468 -10.48 -7.00 10.77
C GLN A 468 -11.39 -7.54 9.67
N LEU A 469 -12.24 -6.69 9.13
CA LEU A 469 -12.98 -7.05 7.93
C LEU A 469 -12.00 -7.23 6.76
N PRO A 470 -12.16 -8.32 6.00
CA PRO A 470 -11.27 -8.57 4.87
C PRO A 470 -11.27 -7.41 3.86
N GLU A 471 -10.10 -7.03 3.34
CA GLU A 471 -9.98 -5.92 2.39
C GLU A 471 -10.96 -5.95 1.22
N ILE A 472 -11.21 -7.14 0.68
CA ILE A 472 -12.10 -7.30 -0.47
C ILE A 472 -13.50 -6.72 -0.21
N LEU A 473 -13.91 -6.70 1.04
CA LEU A 473 -15.22 -6.16 1.37
C LEU A 473 -15.24 -4.62 1.51
N ARG A 474 -14.10 -4.03 1.85
CA ARG A 474 -13.97 -2.57 2.08
C ARG A 474 -13.24 -1.70 1.05
N THR A 475 -12.89 -2.24 -0.13
CA THR A 475 -11.93 -1.56 -0.99
C THR A 475 -12.44 -1.39 -2.43
N PRO A 476 -12.08 -0.27 -3.11
CA PRO A 476 -12.36 -0.13 -4.54
C PRO A 476 -11.72 -1.25 -5.37
N LEU A 477 -12.45 -1.82 -6.31
CA LEU A 477 -11.98 -3.04 -6.99
C LEU A 477 -11.28 -2.85 -8.33
N GLU A 478 -11.07 -1.61 -8.76
CA GLU A 478 -10.58 -1.39 -10.13
C GLU A 478 -9.26 -2.12 -10.43
N GLU A 479 -8.28 -2.04 -9.54
CA GLU A 479 -6.98 -2.65 -9.80
C GLU A 479 -7.12 -4.17 -9.91
N LEU A 480 -7.94 -4.74 -9.03
CA LEU A 480 -8.20 -6.17 -9.02
C LEU A 480 -8.92 -6.61 -10.29
N CYS A 481 -9.91 -5.82 -10.72
CA CYS A 481 -10.62 -6.12 -11.95
C CYS A 481 -9.70 -6.16 -13.16
N LEU A 482 -8.71 -5.27 -13.20
CA LEU A 482 -7.77 -5.30 -14.34
C LEU A 482 -6.90 -6.54 -14.28
N GLN A 483 -6.54 -6.98 -13.08
CA GLN A 483 -5.77 -8.23 -12.92
C GLN A 483 -6.57 -9.42 -13.46
N ILE A 484 -7.84 -9.46 -13.10
CA ILE A 484 -8.73 -10.51 -13.60
C ILE A 484 -8.73 -10.59 -15.13
N LYS A 485 -8.74 -9.42 -15.77
CA LYS A 485 -8.78 -9.35 -17.23
C LYS A 485 -7.43 -9.71 -17.84
N ILE A 486 -6.36 -9.16 -17.27
CA ILE A 486 -5.03 -9.41 -17.83
C ILE A 486 -4.67 -10.90 -17.69
N LEU A 487 -5.23 -11.57 -16.70
CA LEU A 487 -4.94 -12.99 -16.51
C LEU A 487 -5.93 -13.89 -17.27
N ARG A 488 -6.84 -13.26 -18.03
CA ARG A 488 -7.79 -13.97 -18.87
C ARG A 488 -8.63 -14.96 -18.03
N LEU A 489 -9.21 -14.46 -16.95
CA LEU A 489 -9.97 -15.28 -16.02
C LEU A 489 -11.46 -15.24 -16.39
N GLY A 490 -11.77 -14.58 -17.51
CA GLY A 490 -13.14 -14.46 -17.99
C GLY A 490 -13.93 -13.30 -17.39
N GLY A 491 -15.23 -13.51 -17.22
CA GLY A 491 -16.11 -12.45 -16.73
C GLY A 491 -15.72 -11.97 -15.35
N ILE A 492 -15.73 -10.65 -15.16
CA ILE A 492 -15.29 -10.08 -13.90
C ILE A 492 -16.21 -10.39 -12.74
N ALA A 493 -17.50 -10.14 -12.93
CA ALA A 493 -18.47 -10.35 -11.87
C ALA A 493 -18.52 -11.82 -11.50
N TYR A 494 -18.43 -12.69 -12.50
CA TYR A 494 -18.45 -14.13 -12.26
C TYR A 494 -17.27 -14.55 -11.38
N PHE A 495 -16.06 -14.21 -11.80
CA PHE A 495 -14.88 -14.54 -11.00
C PHE A 495 -14.95 -14.04 -9.57
N LEU A 496 -15.28 -12.76 -9.43
CA LEU A 496 -15.39 -12.18 -8.11
C LEU A 496 -16.42 -12.93 -7.24
N SER A 497 -17.49 -13.43 -7.86
CA SER A 497 -18.49 -14.20 -7.11
C SER A 497 -17.92 -15.54 -6.59
N ARG A 498 -16.77 -15.97 -7.11
CA ARG A 498 -16.19 -17.25 -6.70
C ARG A 498 -15.14 -17.11 -5.60
N LEU A 499 -14.83 -15.89 -5.22
CA LEU A 499 -13.85 -15.65 -4.17
C LEU A 499 -14.37 -16.19 -2.84
N MET A 500 -13.48 -16.43 -1.88
CA MET A 500 -13.88 -16.87 -0.54
C MET A 500 -14.86 -15.93 0.17
N ASP A 501 -14.59 -14.62 0.17
CA ASP A 501 -15.64 -13.64 0.50
C ASP A 501 -15.94 -12.76 -0.70
N PRO A 502 -17.08 -12.98 -1.36
CA PRO A 502 -17.33 -12.14 -2.54
C PRO A 502 -17.69 -10.71 -2.18
N PRO A 503 -17.20 -9.76 -2.96
CA PRO A 503 -17.51 -8.35 -2.71
C PRO A 503 -18.97 -8.03 -3.05
N SER A 504 -19.49 -6.91 -2.56
CA SER A 504 -20.88 -6.54 -2.85
C SER A 504 -21.10 -6.25 -4.34
N ASN A 505 -22.31 -6.49 -4.80
CA ASN A 505 -22.63 -6.19 -6.19
C ASN A 505 -22.39 -4.71 -6.53
N GLU A 506 -22.67 -3.83 -5.57
CA GLU A 506 -22.53 -2.40 -5.84
C GLU A 506 -21.07 -1.99 -6.03
N ALA A 507 -20.18 -2.58 -5.24
CA ALA A 507 -18.74 -2.33 -5.41
C ALA A 507 -18.28 -2.84 -6.79
N VAL A 508 -18.80 -4.00 -7.21
CA VAL A 508 -18.44 -4.54 -8.52
C VAL A 508 -18.99 -3.67 -9.68
N VAL A 509 -20.23 -3.20 -9.58
CA VAL A 509 -20.81 -2.37 -10.64
C VAL A 509 -20.05 -1.03 -10.77
N LEU A 510 -19.69 -0.41 -9.64
CA LEU A 510 -18.96 0.84 -9.65
C LEU A 510 -17.58 0.68 -10.28
N SER A 511 -16.93 -0.42 -9.91
CA SER A 511 -15.59 -0.71 -10.40
C SER A 511 -15.55 -0.87 -11.93
N ILE A 512 -16.48 -1.63 -12.46
CA ILE A 512 -16.53 -1.88 -13.89
C ILE A 512 -16.90 -0.61 -14.63
N LYS A 513 -17.77 0.20 -14.02
CA LYS A 513 -18.16 1.48 -14.60
C LYS A 513 -16.99 2.46 -14.66
N HIS A 514 -16.22 2.57 -13.58
CA HIS A 514 -15.07 3.48 -13.55
CA HIS A 514 -15.08 3.48 -13.55
C HIS A 514 -14.06 3.05 -14.61
N LEU A 515 -13.91 1.75 -14.79
CA LEU A 515 -12.93 1.27 -15.78
C LEU A 515 -13.37 1.57 -17.22
N MET A 516 -14.67 1.49 -17.49
CA MET A 516 -15.16 1.87 -18.80
C MET A 516 -15.01 3.38 -19.00
N GLU A 517 -15.30 4.16 -17.97
CA GLU A 517 -15.20 5.63 -18.10
C GLU A 517 -13.75 6.09 -18.20
N LEU A 518 -12.83 5.31 -17.64
CA LEU A 518 -11.38 5.49 -17.84
C LEU A 518 -10.87 5.05 -19.20
N SER A 519 -11.76 4.47 -20.00
CA SER A 519 -11.40 3.84 -21.27
C SER A 519 -10.41 2.69 -21.12
N ALA A 520 -10.39 2.07 -19.94
CA ALA A 520 -9.60 0.85 -19.70
C ALA A 520 -10.29 -0.43 -20.19
N LEU A 521 -11.61 -0.42 -20.19
CA LEU A 521 -12.42 -1.51 -20.70
C LEU A 521 -13.36 -1.01 -21.77
N ASP A 522 -13.62 -1.81 -22.81
CA ASP A 522 -14.63 -1.40 -23.78
C ASP A 522 -15.99 -1.79 -23.22
N LYS A 523 -17.05 -1.51 -23.97
CA LYS A 523 -18.39 -1.74 -23.45
C LYS A 523 -18.70 -3.23 -23.34
N GLN A 524 -17.87 -4.05 -23.98
CA GLN A 524 -18.01 -5.50 -23.88
C GLN A 524 -17.17 -6.06 -22.74
N GLU A 525 -16.57 -5.17 -21.94
CA GLU A 525 -15.75 -5.53 -20.77
C GLU A 525 -14.45 -6.24 -21.17
N GLU A 526 -13.92 -5.89 -22.34
CA GLU A 526 -12.60 -6.41 -22.73
C GLU A 526 -11.57 -5.31 -22.58
N LEU A 527 -10.34 -5.68 -22.27
CA LEU A 527 -9.26 -4.71 -22.18
C LEU A 527 -9.06 -3.94 -23.47
N THR A 528 -8.88 -2.63 -23.33
CA THR A 528 -8.34 -1.78 -24.37
C THR A 528 -6.81 -1.83 -24.30
N PRO A 529 -6.11 -1.36 -25.35
CA PRO A 529 -4.65 -1.31 -25.19
C PRO A 529 -4.20 -0.46 -24.00
N LEU A 530 -4.87 0.67 -23.76
CA LEU A 530 -4.59 1.45 -22.56
C LEU A 530 -4.73 0.57 -21.31
N GLY A 531 -5.84 -0.16 -21.25
CA GLY A 531 -6.12 -1.06 -20.15
C GLY A 531 -5.04 -2.11 -19.92
N VAL A 532 -4.50 -2.67 -21.00
CA VAL A 532 -3.39 -3.59 -20.89
C VAL A 532 -2.23 -2.94 -20.16
N HIS A 533 -1.86 -1.73 -20.58
CA HIS A 533 -0.78 -1.01 -19.90
C HIS A 533 -1.13 -0.64 -18.44
N LEU A 534 -2.38 -0.27 -18.21
CA LEU A 534 -2.77 0.08 -16.84
C LEU A 534 -2.68 -1.16 -15.95
N ALA A 535 -2.92 -2.32 -16.54
CA ALA A 535 -2.84 -3.58 -15.78
C ALA A 535 -1.40 -3.90 -15.41
N ARG A 536 -0.46 -3.32 -16.14
CA ARG A 536 0.96 -3.54 -15.86
C ARG A 536 1.54 -2.60 -14.81
N LEU A 537 0.74 -1.66 -14.33
CA LEU A 537 1.21 -0.72 -13.31
C LEU A 537 0.52 -1.04 -12.00
N PRO A 538 1.32 -1.30 -10.96
CA PRO A 538 0.78 -1.75 -9.67
C PRO A 538 0.25 -0.59 -8.81
N VAL A 539 -0.62 0.21 -9.40
CA VAL A 539 -1.27 1.32 -8.69
C VAL A 539 -2.70 1.34 -9.14
N GLU A 540 -3.56 2.08 -8.44
CA GLU A 540 -4.93 2.27 -8.87
C GLU A 540 -4.91 2.90 -10.28
N PRO A 541 -5.87 2.52 -11.14
CA PRO A 541 -5.86 2.84 -12.57
C PRO A 541 -5.98 4.34 -12.85
N HIS A 542 -6.63 5.12 -11.99
CA HIS A 542 -6.65 6.56 -12.24
C HIS A 542 -5.27 7.15 -12.01
N ILE A 543 -4.58 6.69 -10.97
CA ILE A 543 -3.16 7.03 -10.82
C ILE A 543 -2.35 6.46 -12.00
N GLY A 544 -2.63 5.23 -12.39
CA GLY A 544 -1.86 4.65 -13.50
C GLY A 544 -1.99 5.44 -14.79
N LYS A 545 -3.23 5.78 -15.14
CA LYS A 545 -3.46 6.56 -16.35
C LYS A 545 -2.75 7.91 -16.28
N MET A 546 -2.84 8.58 -15.14
CA MET A 546 -2.18 9.87 -15.00
C MET A 546 -0.66 9.74 -15.22
N ILE A 547 0.01 8.81 -14.55
CA ILE A 547 1.47 8.78 -14.66
C ILE A 547 1.92 8.30 -16.05
N LEU A 548 1.13 7.43 -16.65
CA LEU A 548 1.36 6.95 -18.00
C LEU A 548 1.36 8.12 -19.01
N PHE A 549 0.36 9.00 -18.93
CA PHE A 549 0.35 10.13 -19.84
C PHE A 549 1.34 11.21 -19.44
N GLY A 550 1.71 11.23 -18.16
CA GLY A 550 2.85 12.02 -17.72
C GLY A 550 4.11 11.60 -18.48
N ALA A 551 4.28 10.30 -18.64
CA ALA A 551 5.36 9.73 -19.45
C ALA A 551 5.21 10.04 -20.93
N LEU A 552 4.06 9.71 -21.51
CA LEU A 552 3.89 9.92 -22.94
C LEU A 552 4.03 11.39 -23.37
N PHE A 553 3.60 12.32 -22.52
CA PHE A 553 3.59 13.72 -22.91
C PHE A 553 4.85 14.47 -22.46
N CYS A 554 5.77 13.77 -21.82
CA CYS A 554 6.98 14.38 -21.25
C CYS A 554 6.78 15.49 -20.22
N CYS A 555 5.77 15.33 -19.35
CA CYS A 555 5.54 16.16 -18.14
C CYS A 555 6.04 15.52 -16.86
N LEU A 556 6.83 14.48 -16.93
CA LEU A 556 6.88 13.49 -15.85
C LEU A 556 6.96 14.04 -14.42
N ASP A 557 7.88 14.96 -14.16
CA ASP A 557 8.17 15.38 -12.79
C ASP A 557 6.95 16.03 -12.06
N PRO A 558 6.31 17.07 -12.65
CA PRO A 558 5.12 17.62 -11.97
C PRO A 558 3.96 16.62 -11.90
N VAL A 559 3.77 15.81 -12.94
CA VAL A 559 2.71 14.84 -12.90
C VAL A 559 2.95 13.82 -11.78
N LEU A 560 4.20 13.42 -11.56
CA LEU A 560 4.47 12.44 -10.49
C LEU A 560 4.23 13.07 -9.09
N THR A 561 4.60 14.33 -8.93
CA THR A 561 4.24 15.09 -7.74
C THR A 561 2.75 15.02 -7.46
N ILE A 562 1.93 15.32 -8.48
CA ILE A 562 0.48 15.36 -8.30
C ILE A 562 -0.05 13.96 -7.97
N ALA A 563 0.37 12.98 -8.75
CA ALA A 563 0.05 11.58 -8.47
C ALA A 563 0.39 11.17 -7.03
N ALA A 564 1.60 11.48 -6.58
CA ALA A 564 1.97 11.09 -5.22
C ALA A 564 1.00 11.75 -4.22
N SER A 565 0.69 13.01 -4.51
CA SER A 565 -0.13 13.83 -3.62
C SER A 565 -1.54 13.26 -3.51
N LEU A 566 -2.05 12.71 -4.59
CA LEU A 566 -3.40 12.14 -4.56
C LEU A 566 -3.35 10.79 -3.86
N SER A 567 -2.21 10.12 -3.92
CA SER A 567 -2.09 8.75 -3.38
C SER A 567 -1.91 8.75 -1.86
N PHE A 568 -1.13 9.68 -1.35
CA PHE A 568 -0.94 9.75 0.08
C PHE A 568 -1.78 10.89 0.61
N LYS A 569 -1.29 12.11 0.50
CA LYS A 569 -2.09 13.30 0.80
C LYS A 569 -1.29 14.55 0.39
N ASP A 570 -1.89 15.73 0.55
CA ASP A 570 -1.21 16.99 0.24
C ASP A 570 -0.42 17.52 1.47
N PRO A 571 0.70 18.22 1.24
CA PRO A 571 1.64 18.69 2.27
C PRO A 571 1.13 19.83 3.19
N PHE A 572 0.02 20.48 2.85
CA PHE A 572 -0.38 21.68 3.58
C PHE A 572 -0.96 21.36 4.96
N VAL A 573 -0.74 22.27 5.91
CA VAL A 573 -1.31 22.17 7.25
C VAL A 573 -1.89 23.52 7.65
N ILE A 574 -2.88 23.51 8.53
CA ILE A 574 -3.41 24.76 9.04
C ILE A 574 -3.20 24.88 10.54
N PRO A 575 -2.24 25.72 10.96
CA PRO A 575 -1.98 25.92 12.39
C PRO A 575 -2.97 26.89 13.01
N LEU A 576 -3.24 26.72 14.29
CA LEU A 576 -4.29 27.51 14.94
C LEU A 576 -3.88 28.98 15.06
N GLY A 577 -4.81 29.86 14.70
CA GLY A 577 -4.56 31.29 14.73
C GLY A 577 -3.99 31.83 13.42
N LYS A 578 -3.43 30.92 12.63
CA LYS A 578 -2.85 31.25 11.33
C LYS A 578 -3.77 30.97 10.12
N GLU A 579 -5.01 30.55 10.38
CA GLU A 579 -5.90 30.05 9.33
C GLU A 579 -6.03 30.99 8.12
N LYS A 580 -6.26 32.26 8.38
CA LYS A 580 -6.42 33.27 7.34
C LYS A 580 -5.11 33.48 6.57
N ILE A 581 -3.99 33.40 7.30
CA ILE A 581 -2.68 33.65 6.73
C ILE A 581 -2.27 32.47 5.83
N ALA A 582 -2.55 31.27 6.30
CA ALA A 582 -2.27 30.06 5.54
C ALA A 582 -3.06 30.06 4.22
N ASP A 583 -4.33 30.44 4.28
CA ASP A 583 -5.14 30.46 3.07
C ASP A 583 -4.58 31.44 2.03
N ALA A 584 -4.20 32.64 2.46
CA ALA A 584 -3.55 33.59 1.53
C ALA A 584 -2.21 33.09 0.93
N ARG A 585 -1.37 32.44 1.74
CA ARG A 585 -0.12 31.90 1.21
C ARG A 585 -0.39 30.78 0.21
N ARG A 586 -1.36 29.94 0.53
CA ARG A 586 -1.75 28.86 -0.38
C ARG A 586 -2.20 29.46 -1.73
N LYS A 587 -3.11 30.44 -1.70
CA LYS A 587 -3.61 31.00 -2.95
C LYS A 587 -2.47 31.73 -3.70
N GLU A 588 -1.54 32.29 -2.96
CA GLU A 588 -0.37 32.91 -3.57
C GLU A 588 0.38 31.86 -4.39
N LEU A 589 0.51 30.66 -3.84
CA LEU A 589 1.20 29.56 -4.52
C LEU A 589 0.46 29.10 -5.76
N ALA A 590 -0.85 29.30 -5.78
CA ALA A 590 -1.67 28.94 -6.92
C ALA A 590 -1.39 29.83 -8.13
N LYS A 591 -1.00 31.06 -7.86
CA LYS A 591 -0.86 32.05 -8.91
C LYS A 591 -2.16 32.14 -9.71
N GLU A 592 -2.07 32.13 -11.02
CA GLU A 592 -3.26 32.22 -11.87
C GLU A 592 -3.79 30.86 -12.33
N THR A 593 -3.25 29.76 -11.81
CA THR A 593 -3.60 28.44 -12.36
C THR A 593 -5.02 27.96 -12.12
N ARG A 594 -5.69 28.48 -11.07
CA ARG A 594 -7.02 27.97 -10.71
C ARG A 594 -6.97 26.47 -10.49
N SER A 595 -5.89 26.02 -9.87
CA SER A 595 -5.67 24.58 -9.67
C SER A 595 -5.10 24.20 -8.30
N ASP A 596 -5.80 23.34 -7.56
CA ASP A 596 -5.21 22.84 -6.31
C ASP A 596 -4.00 21.96 -6.60
N HIS A 597 -4.06 21.25 -7.71
CA HIS A 597 -3.01 20.30 -8.05
C HIS A 597 -1.73 21.02 -8.47
N LEU A 598 -1.85 22.10 -9.23
CA LEU A 598 -0.66 22.87 -9.60
C LEU A 598 -0.14 23.65 -8.42
N THR A 599 -1.02 23.98 -7.50
CA THR A 599 -0.58 24.60 -6.26
C THR A 599 0.38 23.70 -5.50
N VAL A 600 0.10 22.39 -5.49
CA VAL A 600 1.00 21.45 -4.85
C VAL A 600 2.33 21.34 -5.60
N VAL A 601 2.27 21.34 -6.93
CA VAL A 601 3.47 21.37 -7.76
C VAL A 601 4.36 22.56 -7.42
N ASN A 602 3.77 23.75 -7.36
CA ASN A 602 4.56 24.94 -7.05
C ASN A 602 5.13 24.88 -5.62
N ALA A 603 4.33 24.40 -4.66
CA ALA A 603 4.83 24.19 -3.30
C ALA A 603 6.04 23.29 -3.31
N PHE A 604 5.91 22.18 -4.03
CA PHE A 604 6.93 21.15 -4.02
C PHE A 604 8.22 21.65 -4.66
N GLU A 605 8.10 22.27 -5.83
CA GLU A 605 9.26 22.85 -6.51
C GLU A 605 9.96 23.92 -5.67
N GLY A 606 9.19 24.81 -5.04
CA GLY A 606 9.74 25.81 -4.14
C GLY A 606 10.46 25.18 -2.96
N TRP A 607 9.93 24.07 -2.47
CA TRP A 607 10.55 23.31 -1.37
C TRP A 607 11.89 22.71 -1.79
N GLU A 608 11.91 22.10 -2.98
CA GLU A 608 13.14 21.52 -3.52
C GLU A 608 14.20 22.59 -3.74
N GLU A 609 13.79 23.71 -4.30
CA GLU A 609 14.72 24.81 -4.52
C GLU A 609 15.30 25.28 -3.19
N ALA A 610 14.45 25.37 -2.16
CA ALA A 610 14.90 25.77 -0.83
C ALA A 610 15.84 24.73 -0.22
N LYS A 611 15.61 23.46 -0.52
CA LYS A 611 16.44 22.40 0.02
C LYS A 611 17.88 22.52 -0.48
N ARG A 612 18.03 22.84 -1.77
CA ARG A 612 19.35 23.04 -2.36
C ARG A 612 20.14 24.14 -1.64
N ARG A 613 19.44 25.19 -1.24
CA ARG A 613 20.07 26.30 -0.52
C ARG A 613 20.45 25.95 0.91
N GLY A 614 20.07 24.76 1.38
CA GLY A 614 20.39 24.32 2.73
C GLY A 614 19.20 24.27 3.69
N PHE A 615 19.38 23.59 4.81
CA PHE A 615 18.25 23.21 5.65
C PHE A 615 17.56 24.38 6.35
N ARG A 616 18.28 25.46 6.61
CA ARG A 616 17.64 26.63 7.17
C ARG A 616 16.57 27.12 6.21
N TYR A 617 16.94 27.25 4.95
CA TYR A 617 16.04 27.73 3.91
C TYR A 617 14.85 26.78 3.73
N GLU A 618 15.11 25.48 3.86
CA GLU A 618 14.05 24.47 3.74
C GLU A 618 13.00 24.60 4.85
N LYS A 619 13.46 24.68 6.09
CA LYS A 619 12.56 24.84 7.22
C LYS A 619 11.83 26.18 7.11
N ASP A 620 12.56 27.20 6.68
CA ASP A 620 12.00 28.53 6.43
C ASP A 620 10.84 28.49 5.44
N TYR A 621 11.05 27.73 4.36
CA TYR A 621 10.06 27.69 3.30
C TYR A 621 8.79 27.04 3.86
N CYS A 622 8.98 25.96 4.61
CA CYS A 622 7.86 25.22 5.18
C CYS A 622 7.03 26.05 6.15
N TRP A 623 7.69 26.86 6.98
CA TRP A 623 6.96 27.75 7.90
C TRP A 623 6.25 28.86 7.12
N GLU A 624 6.89 29.40 6.10
CA GLU A 624 6.28 30.42 5.24
C GLU A 624 4.98 29.94 4.57
N TYR A 625 5.01 28.74 3.99
CA TYR A 625 3.82 28.19 3.32
C TYR A 625 2.98 27.18 4.11
N PHE A 626 3.36 26.93 5.37
CA PHE A 626 2.66 26.00 6.26
C PHE A 626 2.57 24.65 5.60
N LEU A 627 3.74 24.08 5.37
CA LEU A 627 3.92 22.79 4.73
C LEU A 627 4.48 21.79 5.72
N SER A 628 4.04 20.54 5.63
CA SER A 628 4.68 19.47 6.39
C SER A 628 5.89 18.91 5.64
N SER A 629 7.06 19.07 6.27
CA SER A 629 8.29 18.54 5.70
C SER A 629 8.23 17.01 5.57
N ASN A 630 7.67 16.35 6.56
CA ASN A 630 7.59 14.89 6.53
C ASN A 630 6.72 14.40 5.38
N THR A 631 5.61 15.10 5.13
CA THR A 631 4.76 14.75 4.01
C THR A 631 5.49 14.96 2.67
N LEU A 632 6.08 16.13 2.50
CA LEU A 632 6.90 16.40 1.33
C LEU A 632 7.91 15.29 1.05
N GLN A 633 8.62 14.89 2.10
CA GLN A 633 9.63 13.86 1.94
C GLN A 633 9.00 12.55 1.45
N MET A 634 7.86 12.19 2.03
CA MET A 634 7.16 10.99 1.60
C MET A 634 6.71 11.09 0.13
N LEU A 635 6.24 12.27 -0.27
CA LEU A 635 5.81 12.45 -1.67
C LEU A 635 7.00 12.22 -2.59
N HIS A 636 8.16 12.74 -2.20
CA HIS A 636 9.36 12.58 -3.01
C HIS A 636 9.73 11.11 -3.21
N ASN A 637 9.63 10.33 -2.13
CA ASN A 637 9.90 8.90 -2.21
C ASN A 637 8.93 8.13 -3.11
N MET A 638 7.64 8.46 -3.02
CA MET A 638 6.62 7.87 -3.89
C MET A 638 6.86 8.20 -5.37
N LYS A 639 7.30 9.42 -5.65
CA LYS A 639 7.65 9.80 -7.02
C LYS A 639 8.66 8.82 -7.63
N GLY A 640 9.74 8.55 -6.91
CA GLY A 640 10.74 7.59 -7.36
C GLY A 640 10.13 6.23 -7.65
N GLN A 641 9.26 5.77 -6.75
CA GLN A 641 8.55 4.51 -6.99
C GLN A 641 7.78 4.53 -8.30
N PHE A 642 7.04 5.61 -8.53
CA PHE A 642 6.21 5.73 -9.73
C PHE A 642 7.07 5.64 -10.98
N ALA A 643 8.22 6.31 -10.94
CA ALA A 643 9.15 6.30 -12.05
C ALA A 643 9.68 4.89 -12.27
N GLU A 644 9.94 4.17 -11.18
CA GLU A 644 10.37 2.77 -11.28
C GLU A 644 9.32 1.95 -11.99
N HIS A 645 8.05 2.12 -11.63
CA HIS A 645 6.98 1.36 -12.28
C HIS A 645 6.91 1.68 -13.77
N LEU A 646 7.11 2.95 -14.12
CA LEU A 646 7.07 3.35 -15.52
C LEU A 646 8.26 2.79 -16.31
N LEU A 647 9.43 2.79 -15.67
CA LEU A 647 10.64 2.23 -16.27
C LEU A 647 10.44 0.74 -16.57
N GLY A 648 9.85 0.02 -15.63
CA GLY A 648 9.58 -1.40 -15.83
C GLY A 648 8.51 -1.67 -16.86
N ALA A 649 7.63 -0.71 -17.11
CA ALA A 649 6.58 -0.87 -18.11
C ALA A 649 7.07 -0.35 -19.45
N GLY A 650 8.31 0.13 -19.47
CA GLY A 650 8.94 0.62 -20.67
C GLY A 650 8.50 1.97 -21.19
N PHE A 651 7.89 2.79 -20.34
CA PHE A 651 7.49 4.13 -20.80
C PHE A 651 8.48 5.27 -20.52
N VAL A 652 9.49 5.03 -19.69
CA VAL A 652 10.56 5.99 -19.50
C VAL A 652 11.89 5.25 -19.57
N SER A 653 12.96 5.96 -19.91
CA SER A 653 14.26 5.31 -20.05
C SER A 653 15.13 5.42 -18.79
N SER A 654 14.62 6.13 -17.79
CA SER A 654 15.38 6.43 -16.58
C SER A 654 14.53 6.25 -15.33
N ARG A 655 15.17 5.99 -14.19
CA ARG A 655 14.43 5.89 -12.94
C ARG A 655 14.25 7.26 -12.28
N SER A 656 14.79 8.30 -12.92
CA SER A 656 14.77 9.65 -12.37
C SER A 656 13.53 10.44 -12.79
N PRO A 657 12.73 10.88 -11.80
CA PRO A 657 11.56 11.73 -12.11
C PRO A 657 11.98 13.00 -12.85
N LYS A 658 13.25 13.37 -12.65
CA LYS A 658 13.81 14.62 -13.16
C LYS A 658 14.53 14.50 -14.50
N ASP A 659 14.56 13.30 -15.07
CA ASP A 659 15.30 13.07 -16.31
C ASP A 659 14.85 14.08 -17.37
N PRO A 660 15.81 14.87 -17.89
CA PRO A 660 15.58 15.93 -18.87
C PRO A 660 14.72 15.51 -20.06
N LYS A 661 14.92 14.29 -20.56
CA LYS A 661 14.24 13.89 -21.78
C LYS A 661 12.75 13.62 -21.55
N ALA A 662 12.37 13.28 -20.33
CA ALA A 662 10.96 13.05 -20.02
C ALA A 662 10.26 14.31 -19.50
N ASN A 663 11.05 15.36 -19.28
CA ASN A 663 10.54 16.64 -18.81
C ASN A 663 10.43 17.83 -19.77
N ILE A 664 10.65 17.64 -21.05
CA ILE A 664 10.64 18.80 -21.96
C ILE A 664 9.35 19.63 -21.86
N ASN A 665 8.23 18.99 -21.53
CA ASN A 665 6.96 19.71 -21.37
C ASN A 665 6.57 20.10 -19.93
N SER A 666 7.46 19.89 -18.97
CA SER A 666 7.09 20.01 -17.56
C SER A 666 6.81 21.44 -17.08
N ASP A 667 7.08 22.44 -17.91
CA ASP A 667 6.67 23.79 -17.55
C ASP A 667 5.36 24.21 -18.21
N ASN A 668 4.77 23.34 -19.01
CA ASN A 668 3.61 23.75 -19.81
C ASN A 668 2.31 23.44 -19.08
N GLU A 669 1.62 24.49 -18.68
CA GLU A 669 0.49 24.37 -17.77
C GLU A 669 -0.68 23.66 -18.45
N LYS A 670 -0.84 23.92 -19.74
CA LYS A 670 -1.90 23.29 -20.50
C LYS A 670 -1.68 21.78 -20.58
N ILE A 671 -0.44 21.37 -20.82
CA ILE A 671 -0.18 19.94 -20.99
C ILE A 671 -0.37 19.21 -19.66
N ILE A 672 0.15 19.77 -18.58
CA ILE A 672 -0.03 19.14 -17.26
C ILE A 672 -1.51 19.03 -16.88
N LYS A 673 -2.25 20.10 -17.14
CA LYS A 673 -3.69 20.07 -16.91
C LYS A 673 -4.38 18.98 -17.71
N ALA A 674 -3.96 18.78 -18.95
CA ALA A 674 -4.59 17.73 -19.75
C ALA A 674 -4.28 16.36 -19.14
N VAL A 675 -3.08 16.17 -18.61
CA VAL A 675 -2.73 14.90 -17.94
C VAL A 675 -3.52 14.69 -16.64
N ILE A 676 -3.69 15.74 -15.84
CA ILE A 676 -4.54 15.65 -14.65
C ILE A 676 -5.94 15.21 -15.07
N CYS A 677 -6.41 15.76 -16.17
CA CYS A 677 -7.72 15.40 -16.66
C CYS A 677 -7.76 13.91 -17.09
N ALA A 678 -6.69 13.43 -17.72
CA ALA A 678 -6.59 12.00 -18.08
C ALA A 678 -6.76 11.12 -16.85
N GLY A 679 -6.10 11.50 -15.77
CA GLY A 679 -6.21 10.75 -14.53
C GLY A 679 -7.56 10.81 -13.84
N LEU A 680 -8.10 12.02 -13.68
CA LEU A 680 -9.32 12.18 -12.87
C LEU A 680 -10.71 12.09 -13.53
N TYR A 681 -10.81 12.20 -14.86
CA TYR A 681 -12.10 11.99 -15.54
C TYR A 681 -12.53 10.57 -15.14
N PRO A 682 -13.84 10.31 -14.90
CA PRO A 682 -14.93 11.28 -15.02
C PRO A 682 -15.28 12.08 -13.77
N LYS A 683 -14.34 12.55 -12.97
CA LYS A 683 -14.82 13.37 -11.86
C LYS A 683 -14.76 14.81 -12.36
N VAL A 684 -15.92 15.34 -12.72
CA VAL A 684 -16.00 16.56 -13.55
C VAL A 684 -17.15 17.37 -12.98
N ALA A 685 -16.95 18.68 -12.86
CA ALA A 685 -18.04 19.56 -12.42
C ALA A 685 -18.16 20.77 -13.35
N LYS A 686 -19.38 21.26 -13.53
CA LYS A 686 -19.61 22.48 -14.29
C LYS A 686 -19.80 23.66 -13.36
N ILE A 687 -19.04 24.73 -13.57
CA ILE A 687 -19.11 25.87 -12.64
C ILE A 687 -20.46 26.55 -12.69
N ARG A 688 -21.04 26.84 -11.53
CA ARG A 688 -22.23 27.68 -11.50
C ARG A 688 -21.72 29.10 -11.41
N LEU A 689 -22.05 29.90 -12.41
CA LEU A 689 -21.50 31.25 -12.50
C LEU A 689 -21.98 32.09 -11.32
N ASN A 690 -21.08 32.90 -10.76
CA ASN A 690 -21.36 33.64 -9.53
C ASN A 690 -22.21 34.90 -9.69
N LEU A 691 -21.85 35.71 -10.68
CA LEU A 691 -22.50 37.00 -10.97
C LEU A 691 -22.36 38.01 -9.82
N GLY A 692 -21.15 38.13 -9.28
CA GLY A 692 -20.84 39.10 -8.24
C GLY A 692 -21.85 39.09 -7.09
N LYS A 693 -22.27 37.90 -6.68
CA LYS A 693 -23.09 37.78 -5.49
C LYS A 693 -22.21 37.28 -4.37
N LYS A 694 -21.96 38.15 -3.40
CA LYS A 694 -20.99 37.86 -2.36
C LYS A 694 -21.64 37.01 -1.27
N ARG A 695 -22.96 37.01 -1.25
CA ARG A 695 -23.72 36.26 -0.25
C ARG A 695 -23.97 34.80 -0.65
N LYS A 696 -23.64 34.45 -1.90
CA LYS A 696 -23.84 33.09 -2.40
C LYS A 696 -22.51 32.38 -2.56
N MET A 697 -22.45 31.18 -1.97
CA MET A 697 -21.28 30.34 -2.03
C MET A 697 -20.99 29.87 -3.45
N VAL A 698 -19.72 29.67 -3.75
CA VAL A 698 -19.31 29.03 -5.01
C VAL A 698 -19.72 27.55 -5.04
N LYS A 699 -20.50 27.17 -6.05
CA LYS A 699 -21.06 25.82 -6.14
C LYS A 699 -20.88 25.35 -7.57
N VAL A 700 -20.99 24.03 -7.80
CA VAL A 700 -20.74 23.46 -9.11
C VAL A 700 -21.68 22.28 -9.34
N HIS A 701 -22.05 22.05 -10.60
CA HIS A 701 -22.93 20.94 -10.96
C HIS A 701 -22.12 19.69 -11.28
N THR A 702 -22.59 18.54 -10.81
CA THR A 702 -21.92 17.28 -11.16
C THR A 702 -22.95 16.36 -11.82
N LYS A 703 -22.48 15.35 -12.54
CA LYS A 703 -23.39 14.43 -13.18
C LYS A 703 -24.21 13.65 -12.13
N SER A 704 -23.50 13.07 -11.16
CA SER A 704 -24.10 12.21 -10.14
C SER A 704 -24.72 12.90 -8.92
N ASP A 705 -24.05 13.93 -8.41
CA ASP A 705 -24.42 14.54 -7.14
C ASP A 705 -25.22 15.83 -7.16
N GLY A 706 -25.61 16.32 -8.33
CA GLY A 706 -26.34 17.57 -8.38
C GLY A 706 -25.41 18.73 -8.04
N LEU A 707 -25.96 19.79 -7.47
CA LEU A 707 -25.17 20.97 -7.14
C LEU A 707 -24.42 20.76 -5.83
N VAL A 708 -23.10 20.88 -5.84
CA VAL A 708 -22.30 20.69 -4.63
C VAL A 708 -21.39 21.89 -4.38
N SER A 709 -20.65 21.88 -3.28
CA SER A 709 -19.89 23.04 -2.83
C SER A 709 -18.39 22.79 -2.93
N ILE A 710 -17.61 23.86 -3.05
CA ILE A 710 -16.15 23.73 -2.98
C ILE A 710 -15.68 23.83 -1.54
N HIS A 711 -14.80 22.92 -1.13
CA HIS A 711 -14.23 22.93 0.22
C HIS A 711 -13.50 24.25 0.46
N PRO A 712 -13.56 24.75 1.69
CA PRO A 712 -12.84 25.99 2.03
C PRO A 712 -11.32 25.88 1.89
N LYS A 713 -10.76 24.68 1.88
CA LYS A 713 -9.32 24.54 1.76
C LYS A 713 -8.83 24.74 0.31
N SER A 714 -9.75 24.71 -0.65
CA SER A 714 -9.40 24.81 -2.07
C SER A 714 -9.05 26.23 -2.47
N VAL A 715 -8.07 26.38 -3.38
CA VAL A 715 -7.70 27.71 -3.82
C VAL A 715 -8.79 28.32 -4.67
N ASN A 716 -9.76 27.50 -5.10
CA ASN A 716 -10.89 27.99 -5.89
C ASN A 716 -12.16 28.28 -5.06
N VAL A 717 -12.10 28.15 -3.75
CA VAL A 717 -13.34 28.24 -2.95
C VAL A 717 -14.06 29.59 -3.13
N GLU A 718 -13.32 30.69 -3.14
CA GLU A 718 -13.88 32.01 -3.39
C GLU A 718 -13.71 32.56 -4.80
N GLN A 719 -13.15 31.76 -5.71
CA GLN A 719 -12.81 32.29 -7.04
C GLN A 719 -14.04 32.73 -7.87
N THR A 720 -14.07 34.00 -8.27
CA THR A 720 -15.08 34.49 -9.23
C THR A 720 -14.62 34.57 -10.69
N ASP A 721 -13.32 34.42 -10.92
CA ASP A 721 -12.69 34.77 -12.20
C ASP A 721 -12.45 33.64 -13.24
N PHE A 722 -13.03 32.46 -13.06
CA PHE A 722 -12.69 31.31 -13.91
C PHE A 722 -12.67 31.58 -15.44
N HIS A 723 -11.62 31.08 -16.09
CA HIS A 723 -11.50 31.23 -17.53
C HIS A 723 -12.26 30.17 -18.33
N TYR A 724 -12.55 29.03 -17.71
CA TYR A 724 -13.38 28.02 -18.34
C TYR A 724 -14.54 27.63 -17.43
N ASN A 725 -15.43 26.76 -17.94
CA ASN A 725 -16.62 26.35 -17.18
C ASN A 725 -16.49 25.02 -16.46
N TRP A 726 -15.32 24.40 -16.54
CA TRP A 726 -15.17 23.02 -16.10
C TRP A 726 -14.07 22.83 -15.08
N LEU A 727 -14.36 21.98 -14.08
CA LEU A 727 -13.41 21.52 -13.08
C LEU A 727 -13.25 20.01 -13.16
N ILE A 728 -12.08 19.51 -12.77
CA ILE A 728 -11.93 18.10 -12.39
C ILE A 728 -11.50 18.08 -10.95
N TYR A 729 -11.91 17.04 -10.22
CA TYR A 729 -11.59 16.92 -8.83
C TYR A 729 -11.15 15.47 -8.51
N HIS A 730 -10.59 15.26 -7.33
CA HIS A 730 -10.27 13.92 -6.90
C HIS A 730 -11.05 13.57 -5.64
N LEU A 731 -10.78 14.30 -4.56
CA LEU A 731 -11.38 14.00 -3.26
C LEU A 731 -12.70 14.72 -3.05
N LYS A 732 -13.71 13.93 -2.70
CA LYS A 732 -15.08 14.37 -2.41
C LYS A 732 -15.38 13.95 -0.96
N MET A 733 -16.02 14.80 -0.19
CA MET A 733 -16.44 14.39 1.16
C MET A 733 -17.87 14.78 1.40
N ARG A 734 -18.54 13.99 2.23
CA ARG A 734 -19.92 14.29 2.56
C ARG A 734 -20.03 14.53 4.04
N THR A 735 -20.34 15.75 4.44
CA THR A 735 -20.69 15.90 5.83
C THR A 735 -22.15 16.27 5.99
N SER A 736 -22.49 17.54 5.90
CA SER A 736 -23.90 17.90 5.92
C SER A 736 -24.39 18.01 4.49
N SER A 737 -23.42 18.01 3.58
CA SER A 737 -23.63 18.01 2.14
C SER A 737 -22.30 17.72 1.47
N ILE A 738 -22.29 17.63 0.15
CA ILE A 738 -21.08 17.24 -0.57
C ILE A 738 -20.12 18.41 -0.79
N TYR A 739 -18.85 18.24 -0.42
CA TYR A 739 -17.81 19.24 -0.72
C TYR A 739 -16.71 18.66 -1.61
N LEU A 740 -16.24 19.42 -2.60
CA LEU A 740 -15.06 19.02 -3.38
C LEU A 740 -13.80 19.62 -2.76
N TYR A 741 -12.86 18.75 -2.43
CA TYR A 741 -11.65 19.13 -1.71
C TYR A 741 -10.56 19.79 -2.58
N ASP A 742 -10.26 19.16 -3.71
CA ASP A 742 -9.16 19.63 -4.57
C ASP A 742 -9.58 19.65 -6.03
N CYS A 743 -9.57 20.81 -6.65
CA CYS A 743 -10.05 20.86 -8.02
C CYS A 743 -9.23 21.74 -8.92
N THR A 744 -9.31 21.46 -10.23
CA THR A 744 -8.51 22.11 -11.26
C THR A 744 -9.41 22.56 -12.41
N GLU A 745 -9.34 23.83 -12.79
CA GLU A 745 -10.08 24.31 -13.94
C GLU A 745 -9.43 23.71 -15.20
N VAL A 746 -10.22 23.20 -16.13
CA VAL A 746 -9.66 22.74 -17.41
C VAL A 746 -10.50 23.17 -18.59
N SER A 747 -9.88 23.17 -19.77
CA SER A 747 -10.57 23.56 -20.98
C SER A 747 -11.39 22.36 -21.45
N PRO A 748 -12.47 22.62 -22.20
CA PRO A 748 -13.28 21.52 -22.74
C PRO A 748 -12.47 20.57 -23.63
N TYR A 749 -11.44 21.08 -24.31
CA TYR A 749 -10.63 20.20 -25.16
C TYR A 749 -9.98 19.03 -24.37
N CYS A 750 -9.68 19.24 -23.09
CA CYS A 750 -9.16 18.17 -22.24
C CYS A 750 -10.21 17.08 -22.06
N LEU A 751 -11.44 17.49 -21.76
CA LEU A 751 -12.55 16.56 -21.61
C LEU A 751 -12.86 15.89 -22.93
N LEU A 752 -12.80 16.66 -24.02
CA LEU A 752 -13.06 16.11 -25.35
C LEU A 752 -12.13 14.95 -25.67
N PHE A 753 -10.83 15.14 -25.48
CA PHE A 753 -9.96 14.03 -25.81
C PHE A 753 -10.01 12.88 -24.79
N PHE A 754 -9.98 13.19 -23.50
CA PHE A 754 -9.80 12.13 -22.50
C PHE A 754 -11.10 11.60 -21.90
N GLY A 755 -12.25 12.14 -22.33
CA GLY A 755 -13.52 11.79 -21.70
C GLY A 755 -14.28 10.66 -22.37
N GLY A 756 -15.60 10.65 -22.22
CA GLY A 756 -16.41 9.58 -22.77
C GLY A 756 -16.85 9.79 -24.20
N ASP A 757 -18.02 9.24 -24.54
CA ASP A 757 -18.51 9.25 -25.91
C ASP A 757 -18.76 10.67 -26.42
N ILE A 758 -18.36 10.89 -27.66
CA ILE A 758 -18.54 12.17 -28.33
C ILE A 758 -19.77 12.15 -29.21
N SER A 759 -20.57 13.19 -29.14
CA SER A 759 -21.70 13.31 -30.04
C SER A 759 -21.73 14.72 -30.60
N ILE A 760 -22.36 14.88 -31.75
CA ILE A 760 -22.44 16.17 -32.42
C ILE A 760 -23.91 16.56 -32.56
N GLN A 761 -24.22 17.83 -32.30
CA GLN A 761 -25.57 18.38 -32.33
C GLN A 761 -25.46 19.77 -32.93
N LYS A 762 -26.55 20.41 -33.31
CA LYS A 762 -26.28 21.70 -33.97
C LYS A 762 -27.04 22.93 -33.43
N ASP A 763 -28.37 22.99 -33.46
CA ASP A 763 -29.04 24.27 -33.10
C ASP A 763 -28.55 25.34 -34.07
N LYS A 764 -29.04 25.27 -35.30
CA LYS A 764 -28.87 26.35 -36.28
C LYS A 764 -27.42 26.70 -36.56
N ASP A 765 -27.10 27.95 -36.22
CA ASP A 765 -25.81 28.58 -36.41
C ASP A 765 -24.67 27.77 -35.81
N GLN A 766 -24.91 27.26 -34.60
CA GLN A 766 -23.84 26.80 -33.71
C GLN A 766 -23.45 25.34 -33.91
N GLU A 767 -22.15 25.06 -33.87
CA GLU A 767 -21.70 23.68 -33.84
C GLU A 767 -21.54 23.27 -32.37
N ILE A 768 -22.06 22.11 -32.00
CA ILE A 768 -22.00 21.66 -30.61
C ILE A 768 -21.35 20.30 -30.48
N ILE A 769 -20.55 20.13 -29.43
CA ILE A 769 -20.06 18.81 -29.05
C ILE A 769 -20.55 18.44 -27.66
N ALA A 770 -20.99 17.21 -27.49
CA ALA A 770 -21.32 16.70 -26.18
C ALA A 770 -20.46 15.50 -25.89
N VAL A 771 -19.94 15.44 -24.66
CA VAL A 771 -19.11 14.37 -24.18
C VAL A 771 -19.85 13.66 -23.06
N ASP A 772 -20.08 12.35 -23.19
CA ASP A 772 -20.85 11.56 -22.19
C ASP A 772 -22.19 12.24 -21.90
N GLU A 773 -22.64 12.95 -22.93
CA GLU A 773 -23.95 13.54 -23.12
C GLU A 773 -24.26 14.76 -22.23
N TRP A 774 -23.62 14.90 -21.07
CA TRP A 774 -23.92 16.06 -20.24
C TRP A 774 -22.86 17.16 -20.30
N ILE A 775 -21.75 16.90 -20.95
CA ILE A 775 -20.71 17.92 -20.98
C ILE A 775 -20.88 18.55 -22.32
N VAL A 776 -21.41 19.76 -22.32
CA VAL A 776 -21.87 20.35 -23.58
C VAL A 776 -21.21 21.71 -23.78
N PHE A 777 -20.61 21.91 -24.94
CA PHE A 777 -19.91 23.15 -25.22
C PHE A 777 -19.88 23.45 -26.71
N GLN A 778 -19.59 24.70 -27.05
CA GLN A 778 -19.49 25.13 -28.44
C GLN A 778 -18.16 24.73 -29.02
N SER A 779 -18.18 24.13 -30.20
CA SER A 779 -16.96 23.72 -30.89
C SER A 779 -17.29 23.16 -32.27
N PRO A 780 -16.47 23.50 -33.28
CA PRO A 780 -16.71 23.06 -34.65
C PRO A 780 -16.82 21.54 -34.78
N GLU A 781 -17.75 21.08 -35.60
CA GLU A 781 -17.87 19.66 -35.89
C GLU A 781 -16.56 18.99 -36.30
N ARG A 782 -15.71 19.67 -37.04
CA ARG A 782 -14.48 19.04 -37.53
C ARG A 782 -13.54 18.69 -36.36
N ILE A 783 -13.63 19.45 -35.27
CA ILE A 783 -12.84 19.13 -34.09
C ILE A 783 -13.25 17.78 -33.48
N ALA A 784 -14.54 17.46 -33.54
CA ALA A 784 -15.02 16.18 -33.03
C ALA A 784 -14.47 15.04 -33.86
N HIS A 785 -14.46 15.22 -35.18
CA HIS A 785 -13.95 14.18 -36.06
C HIS A 785 -12.44 14.02 -35.92
N LEU A 786 -11.74 15.13 -35.71
CA LEU A 786 -10.30 15.11 -35.46
C LEU A 786 -10.02 14.24 -34.24
N VAL A 787 -10.76 14.51 -33.17
CA VAL A 787 -10.53 13.84 -31.90
C VAL A 787 -10.83 12.34 -31.98
N LYS A 788 -11.93 11.99 -32.64
CA LYS A 788 -12.23 10.58 -32.86
C LYS A 788 -11.07 9.91 -33.60
N GLY A 789 -10.53 10.61 -34.58
CA GLY A 789 -9.43 10.09 -35.36
C GLY A 789 -8.22 9.89 -34.49
N LEU A 790 -7.90 10.90 -33.71
CA LEU A 790 -6.72 10.87 -32.85
C LEU A 790 -6.83 9.81 -31.74
N ARG A 791 -8.02 9.65 -31.18
CA ARG A 791 -8.22 8.59 -30.18
C ARG A 791 -7.85 7.22 -30.76
N LYS A 792 -8.33 6.95 -31.96
CA LYS A 792 -8.03 5.67 -32.61
C LYS A 792 -6.54 5.51 -32.91
N GLU A 793 -5.90 6.59 -33.37
CA GLU A 793 -4.46 6.52 -33.59
C GLU A 793 -3.71 6.30 -32.29
N LEU A 794 -4.17 6.92 -31.20
CA LEU A 794 -3.53 6.68 -29.91
C LEU A 794 -3.70 5.22 -29.45
N ASP A 795 -4.88 4.64 -29.67
CA ASP A 795 -5.10 3.21 -29.43
C ASP A 795 -4.07 2.33 -30.14
N SER A 796 -3.80 2.66 -31.40
CA SER A 796 -2.89 1.86 -32.20
C SER A 796 -1.44 2.01 -31.71
N LEU A 797 -1.04 3.23 -31.38
CA LEU A 797 0.24 3.48 -30.71
C LEU A 797 0.38 2.60 -29.44
N LEU A 798 -0.60 2.64 -28.55
CA LEU A 798 -0.53 1.87 -27.31
C LEU A 798 -0.55 0.37 -27.61
N GLN A 799 -1.33 -0.02 -28.60
CA GLN A 799 -1.36 -1.40 -29.07
C GLN A 799 0.03 -1.92 -29.45
N GLU A 800 0.74 -1.16 -30.27
CA GLU A 800 2.09 -1.54 -30.69
C GLU A 800 3.07 -1.75 -29.53
N LYS A 801 2.82 -1.09 -28.41
CA LYS A 801 3.75 -1.13 -27.29
C LYS A 801 3.47 -2.27 -26.32
N ILE A 802 2.36 -2.97 -26.53
CA ILE A 802 2.06 -4.13 -25.70
C ILE A 802 3.17 -5.18 -25.85
N GLU A 803 3.46 -5.55 -27.09
CA GLU A 803 4.50 -6.53 -27.35
C GLU A 803 5.91 -5.92 -27.33
N SER A 804 6.04 -4.65 -27.69
CA SER A 804 7.37 -4.04 -27.78
C SER A 804 7.50 -2.76 -26.95
N PRO A 805 7.36 -2.86 -25.62
CA PRO A 805 7.35 -1.61 -24.85
C PRO A 805 8.68 -0.87 -24.94
N HIS A 806 8.63 0.39 -25.38
CA HIS A 806 9.83 1.22 -25.48
C HIS A 806 9.40 2.67 -25.28
N PRO A 807 10.24 3.49 -24.63
CA PRO A 807 9.80 4.89 -24.50
C PRO A 807 9.69 5.57 -25.85
N VAL A 808 8.75 6.49 -25.96
CA VAL A 808 8.67 7.33 -27.15
C VAL A 808 9.94 8.17 -27.24
N ASP A 809 10.57 8.20 -28.40
CA ASP A 809 11.72 9.09 -28.57
C ASP A 809 11.25 10.41 -29.17
N TRP A 810 11.29 11.47 -28.36
CA TRP A 810 10.78 12.78 -28.77
C TRP A 810 11.82 13.63 -29.47
N ASP A 811 13.06 13.14 -29.47
CA ASP A 811 14.13 13.73 -30.28
C ASP A 811 14.05 13.25 -31.70
N ASP A 812 13.30 12.17 -31.95
CA ASP A 812 13.04 11.84 -33.33
C ASP A 812 11.60 12.23 -33.66
N THR A 813 11.50 13.37 -34.32
CA THR A 813 10.29 13.82 -34.99
C THR A 813 10.24 13.01 -36.26
N LYS A 814 9.10 13.00 -36.93
CA LYS A 814 8.85 12.24 -38.15
C LYS A 814 8.46 10.81 -37.78
N SER A 815 8.60 10.48 -36.50
CA SER A 815 8.51 9.10 -36.03
C SER A 815 7.10 8.50 -36.05
N ARG A 816 6.10 9.34 -36.28
CA ARG A 816 4.68 8.96 -36.36
C ARG A 816 4.06 8.67 -34.99
N ASP A 817 4.90 8.34 -34.00
CA ASP A 817 4.42 8.31 -32.62
C ASP A 817 4.49 9.74 -32.17
N CYS A 818 5.58 10.42 -32.51
CA CYS A 818 5.68 11.85 -32.21
C CYS A 818 4.59 12.63 -32.94
N ALA A 819 4.32 12.27 -34.19
CA ALA A 819 3.28 12.96 -34.97
C ALA A 819 1.92 12.91 -34.27
N VAL A 820 1.53 11.71 -33.84
CA VAL A 820 0.22 11.51 -33.24
C VAL A 820 0.12 12.22 -31.90
N LEU A 821 1.15 12.04 -31.06
CA LEU A 821 1.15 12.65 -29.73
C LEU A 821 1.27 14.18 -29.83
N SER A 822 2.11 14.65 -30.76
CA SER A 822 2.21 16.10 -31.01
C SER A 822 0.86 16.69 -31.40
N ALA A 823 0.09 15.94 -32.19
CA ALA A 823 -1.22 16.42 -32.63
C ALA A 823 -2.19 16.47 -31.46
N ILE A 824 -2.08 15.50 -30.56
CA ILE A 824 -2.94 15.50 -29.37
C ILE A 824 -2.57 16.70 -28.49
N LEU A 825 -1.28 16.95 -28.34
CA LEU A 825 -0.80 18.07 -27.53
C LEU A 825 -1.27 19.41 -28.12
N ASP A 826 -1.18 19.54 -29.45
CA ASP A 826 -1.66 20.75 -30.12
C ASP A 826 -3.14 20.97 -29.84
N LEU A 827 -3.91 19.89 -29.89
CA LEU A 827 -5.33 20.00 -29.59
C LEU A 827 -5.58 20.48 -28.15
N ILE A 828 -4.98 19.83 -27.15
CA ILE A 828 -5.32 20.18 -25.76
C ILE A 828 -4.67 21.53 -25.34
N LYS A 829 -3.83 22.09 -26.20
CA LYS A 829 -3.33 23.45 -26.01
C LYS A 829 -4.35 24.45 -26.58
N THR A 830 -5.45 23.89 -27.07
CA THR A 830 -6.67 24.54 -27.59
C THR A 830 -6.50 24.95 -29.04
#